data_4B2W
#
_entry.id   4B2W
#
_cell.length_a   64.120
_cell.length_b   154.440
_cell.length_c   134.330
_cell.angle_alpha   90.00
_cell.angle_beta   92.46
_cell.angle_gamma   90.00
#
_symmetry.space_group_name_H-M   'C 1 2 1'
#
loop_
_entity.id
_entity.type
_entity.pdbx_description
1 polymer 'GLUCOSE-1-PHOSPHATE THYMIDYLYLTRANSFERASE'
2 non-polymer N-(6-amino-1-benzyl-2,4-dioxo-1,2,3,4-tetrahydropyrimidin-5-yl)benzamide
3 non-polymer 'CHLORIDE ION'
4 non-polymer '2-(N-MORPHOLINO)-ETHANESULFONIC ACID'
5 non-polymer GLYCEROL
6 water water
#
_entity_poly.entity_id   1
_entity_poly.type   'polypeptide(L)'
_entity_poly.pdbx_seq_one_letter_code
;HHHHHHGSMAMKRKGIILAGGSGTRLHPATLAISKQLLPVYDKPMIYYPLSTLMLAGIREILIISTPQDTPRFQQLLGDG
SNWGLDLQYAVQPSPDGLAQAFLIGESFIGNDLSALVLGDNLYYGHDFHELLGSASQRQTGASVFAYHVLDPERYGVVEF
DQGGKAISLEEKPLEPKSNYAVTGLYFYDQQVVDIARDLKPSPRGELEITDVNRAYLERGQLSVEIMGRGYAWLDTGTHD
SLLEAGQFIATLENRQGLKVACPEEIAYRQKWIDAAQLEKLAAPLAKNGYGQYLKRLLTETVY
;
_entity_poly.pdbx_strand_id   A,B,C,D
#
# COMPACT_ATOMS: atom_id res chain seq x y z
N HIS A 3 -23.63 3.78 -29.12
CA HIS A 3 -24.78 3.70 -28.17
C HIS A 3 -25.19 5.05 -27.64
N HIS A 4 -26.02 5.08 -26.59
CA HIS A 4 -26.48 6.34 -26.01
C HIS A 4 -25.99 6.52 -24.62
N HIS A 5 -25.43 7.69 -24.33
CA HIS A 5 -25.09 8.10 -22.99
C HIS A 5 -26.09 9.09 -22.50
N HIS A 6 -26.16 9.28 -21.19
CA HIS A 6 -27.11 10.24 -20.61
C HIS A 6 -26.42 11.14 -19.62
N MET A 11 -20.04 19.04 -12.79
CA MET A 11 -19.11 17.96 -13.08
C MET A 11 -17.90 17.96 -12.13
N LYS A 12 -17.61 16.79 -11.55
CA LYS A 12 -16.55 16.64 -10.54
C LYS A 12 -15.18 16.40 -11.19
N ARG A 13 -14.16 16.58 -10.36
CA ARG A 13 -12.80 16.65 -10.84
C ARG A 13 -11.95 15.75 -9.97
N LYS A 14 -11.19 14.86 -10.60
CA LYS A 14 -10.36 13.97 -9.84
C LYS A 14 -8.92 14.47 -9.85
N GLY A 15 -8.16 14.13 -8.83
CA GLY A 15 -6.77 14.57 -8.73
C GLY A 15 -5.77 13.45 -8.91
N ILE A 16 -4.61 13.79 -9.45
CA ILE A 16 -3.51 12.86 -9.51
C ILE A 16 -2.29 13.56 -8.93
N ILE A 17 -1.62 12.87 -8.02
CA ILE A 17 -0.32 13.29 -7.55
C ILE A 17 0.75 12.37 -8.15
N LEU A 18 1.66 12.96 -8.90
CA LEU A 18 2.80 12.21 -9.41
C LEU A 18 3.92 12.33 -8.42
N ALA A 19 4.20 11.23 -7.75
CA ALA A 19 5.21 11.18 -6.69
C ALA A 19 6.05 9.97 -6.98
N GLY A 20 6.52 9.91 -8.23
CA GLY A 20 7.34 8.83 -8.74
C GLY A 20 8.85 8.97 -8.54
N GLY A 21 9.61 8.34 -9.44
CA GLY A 21 11.05 8.32 -9.33
C GLY A 21 11.64 9.64 -9.76
N SER A 22 12.51 10.21 -8.90
CA SER A 22 13.44 11.30 -9.29
C SER A 22 14.77 10.75 -9.80
N GLY A 23 14.73 9.54 -10.37
CA GLY A 23 15.94 8.81 -10.75
C GLY A 23 17.05 8.90 -9.70
N THR A 24 18.29 9.09 -10.17
CA THR A 24 19.47 9.13 -9.31
C THR A 24 19.94 10.56 -8.96
N ARG A 25 19.20 11.58 -9.38
CA ARG A 25 19.67 12.94 -9.26
C ARG A 25 20.04 13.32 -7.82
N LEU A 26 19.26 12.85 -6.84
CA LEU A 26 19.50 13.21 -5.45
C LEU A 26 20.09 12.03 -4.69
N HIS A 27 20.63 11.07 -5.42
CA HIS A 27 21.41 10.03 -4.78
C HIS A 27 22.67 10.68 -4.25
N PRO A 28 23.10 10.28 -3.03
CA PRO A 28 22.61 9.17 -2.22
C PRO A 28 21.56 9.50 -1.13
N ALA A 29 21.27 10.78 -0.90
CA ALA A 29 20.20 11.20 0.01
C ALA A 29 18.92 10.40 -0.18
N THR A 30 18.49 10.25 -1.43
CA THR A 30 17.24 9.57 -1.76
C THR A 30 17.41 8.07 -2.10
N LEU A 31 18.49 7.41 -1.69
CA LEU A 31 18.68 5.98 -2.02
C LEU A 31 17.71 5.05 -1.27
N ALA A 32 17.56 5.28 0.03
CA ALA A 32 16.71 4.43 0.85
C ALA A 32 15.24 4.79 0.78
N ILE A 33 14.90 5.92 0.14
CA ILE A 33 13.52 6.45 0.13
C ILE A 33 13.30 7.55 -0.89
N SER A 34 12.09 7.62 -1.43
CA SER A 34 11.82 8.59 -2.46
C SER A 34 11.62 9.98 -1.89
N LYS A 35 11.90 10.96 -2.75
CA LYS A 35 11.93 12.35 -2.35
C LYS A 35 10.63 12.76 -1.71
N GLN A 36 9.49 12.24 -2.23
CA GLN A 36 8.18 12.76 -1.82
C GLN A 36 7.77 12.27 -0.46
N LEU A 37 8.53 11.35 0.11
CA LEU A 37 8.35 11.02 1.52
C LEU A 37 9.33 11.73 2.47
N LEU A 38 10.29 12.51 1.95
CA LEU A 38 11.22 13.21 2.82
C LEU A 38 10.44 14.37 3.44
N PRO A 39 10.76 14.73 4.69
CA PRO A 39 9.94 15.78 5.24
C PRO A 39 10.37 17.15 4.75
N VAL A 40 9.43 18.08 4.72
CA VAL A 40 9.76 19.47 4.57
C VAL A 40 9.39 20.01 5.92
N TYR A 41 10.41 20.27 6.72
CA TYR A 41 10.27 20.67 8.12
C TYR A 41 9.60 19.59 8.93
N ASP A 42 8.31 19.73 9.17
CA ASP A 42 7.62 18.89 10.17
C ASP A 42 6.61 17.87 9.56
N LYS A 43 6.56 17.74 8.23
CA LYS A 43 5.66 16.80 7.62
C LYS A 43 6.23 16.29 6.30
N PRO A 44 5.73 15.14 5.83
CA PRO A 44 6.22 14.60 4.57
C PRO A 44 5.91 15.49 3.40
N MET A 45 6.75 15.41 2.38
CA MET A 45 6.64 16.32 1.27
C MET A 45 5.30 16.20 0.59
N ILE A 46 4.77 14.98 0.51
CA ILE A 46 3.55 14.75 -0.24
C ILE A 46 2.35 15.41 0.45
N TYR A 47 2.39 15.66 1.77
CA TYR A 47 1.34 16.46 2.38
C TYR A 47 1.10 17.81 1.69
N TYR A 48 2.13 18.41 1.10
CA TYR A 48 1.96 19.77 0.55
C TYR A 48 1.10 19.75 -0.71
N PRO A 49 1.50 18.96 -1.74
CA PRO A 49 0.68 18.94 -2.96
C PRO A 49 -0.71 18.28 -2.72
N LEU A 50 -0.78 17.32 -1.80
CA LEU A 50 -2.05 16.74 -1.39
C LEU A 50 -2.93 17.84 -0.82
N SER A 51 -2.37 18.65 0.08
CA SER A 51 -3.12 19.78 0.66
C SER A 51 -3.59 20.77 -0.41
N THR A 52 -2.79 20.93 -1.48
CA THR A 52 -3.13 21.79 -2.59
C THR A 52 -4.36 21.24 -3.28
N LEU A 53 -4.36 19.97 -3.67
CA LEU A 53 -5.60 19.34 -4.23
C LEU A 53 -6.83 19.51 -3.31
N MET A 54 -6.68 19.25 -2.01
CA MET A 54 -7.77 19.41 -1.07
C MET A 54 -8.30 20.84 -1.07
N LEU A 55 -7.40 21.79 -1.22
CA LEU A 55 -7.79 23.20 -1.22
C LEU A 55 -8.56 23.49 -2.47
N ALA A 56 -8.24 22.83 -3.58
CA ALA A 56 -9.07 22.92 -4.80
C ALA A 56 -10.46 22.20 -4.70
N GLY A 57 -10.78 21.62 -3.54
CA GLY A 57 -12.04 20.87 -3.30
C GLY A 57 -12.02 19.42 -3.81
N ILE A 58 -10.84 18.90 -4.15
CA ILE A 58 -10.72 17.58 -4.80
C ILE A 58 -10.56 16.51 -3.70
N ARG A 59 -11.36 15.44 -3.77
CA ARG A 59 -11.42 14.43 -2.71
C ARG A 59 -11.04 13.04 -3.17
N GLU A 60 -11.07 12.80 -4.48
CA GLU A 60 -10.77 11.51 -5.09
C GLU A 60 -9.47 11.67 -5.83
N ILE A 61 -8.44 10.97 -5.36
CA ILE A 61 -7.08 11.30 -5.71
C ILE A 61 -6.27 10.05 -5.94
N LEU A 62 -5.60 9.98 -7.09
CA LEU A 62 -4.65 8.89 -7.41
C LEU A 62 -3.25 9.35 -7.09
N ILE A 63 -2.53 8.54 -6.32
CA ILE A 63 -1.11 8.74 -6.05
C ILE A 63 -0.34 7.76 -6.93
N ILE A 64 0.55 8.30 -7.78
CA ILE A 64 1.38 7.49 -8.64
C ILE A 64 2.82 7.55 -8.09
N SER A 65 3.35 6.38 -7.76
CA SER A 65 4.69 6.24 -7.22
C SER A 65 5.36 5.00 -7.85
N THR A 66 6.58 4.74 -7.44
CA THR A 66 7.33 3.59 -7.91
C THR A 66 6.74 2.38 -7.21
N PRO A 67 6.99 1.17 -7.75
CA PRO A 67 6.51 -0.03 -7.08
C PRO A 67 7.13 -0.19 -5.73
N GLN A 68 8.41 0.17 -5.64
CA GLN A 68 9.17 0.02 -4.41
C GLN A 68 8.56 0.78 -3.26
N ASP A 69 7.99 1.95 -3.54
CA ASP A 69 7.64 2.89 -2.48
C ASP A 69 6.13 3.04 -2.23
N THR A 70 5.31 2.41 -3.07
CA THR A 70 3.85 2.52 -2.95
C THR A 70 3.41 2.07 -1.56
N PRO A 71 3.93 0.94 -1.07
CA PRO A 71 3.51 0.53 0.25
C PRO A 71 3.78 1.58 1.32
N ARG A 72 4.87 2.31 1.20
CA ARG A 72 5.14 3.41 2.15
C ARG A 72 4.20 4.62 1.96
N PHE A 73 3.88 4.99 0.73
CA PHE A 73 2.81 5.97 0.51
C PHE A 73 1.48 5.46 1.10
N GLN A 74 1.16 4.19 0.90
CA GLN A 74 -0.05 3.58 1.48
C GLN A 74 -0.08 3.55 3.01
N GLN A 75 1.06 3.31 3.62
CA GLN A 75 1.13 3.30 5.06
C GLN A 75 0.92 4.71 5.65
N LEU A 76 1.43 5.75 4.97
CA LEU A 76 1.35 7.10 5.47
C LEU A 76 -0.09 7.63 5.35
N LEU A 77 -0.73 7.35 4.22
CA LEU A 77 -1.94 8.04 3.79
C LEU A 77 -3.21 7.16 3.78
N GLY A 78 -3.06 5.84 3.78
CA GLY A 78 -4.18 4.92 3.71
C GLY A 78 -5.07 5.07 2.48
N ASP A 79 -6.35 4.81 2.69
CA ASP A 79 -7.37 4.99 1.67
C ASP A 79 -8.01 6.35 1.73
N GLY A 80 -7.55 7.22 2.62
CA GLY A 80 -8.04 8.60 2.69
C GLY A 80 -9.27 8.82 3.57
N SER A 81 -9.90 7.73 3.97
CA SER A 81 -11.15 7.82 4.73
C SER A 81 -10.96 8.56 6.05
N ASN A 82 -9.78 8.45 6.67
CA ASN A 82 -9.51 9.19 7.93
C ASN A 82 -9.62 10.70 7.75
N TRP A 83 -9.43 11.19 6.52
CA TRP A 83 -9.45 12.63 6.22
C TRP A 83 -10.53 13.00 5.25
N GLY A 84 -11.52 12.13 5.06
CA GLY A 84 -12.68 12.50 4.25
C GLY A 84 -12.43 12.42 2.76
N LEU A 85 -11.39 11.69 2.38
CA LEU A 85 -10.95 11.55 0.99
C LEU A 85 -11.09 10.11 0.50
N ASP A 86 -10.98 9.93 -0.81
CA ASP A 86 -10.76 8.62 -1.32
C ASP A 86 -9.48 8.57 -2.13
N LEU A 87 -8.49 7.84 -1.60
CA LEU A 87 -7.18 7.74 -2.19
C LEU A 87 -6.98 6.34 -2.80
N GLN A 88 -6.53 6.30 -4.05
CA GLN A 88 -6.23 5.08 -4.77
C GLN A 88 -4.78 5.12 -5.18
N TYR A 89 -4.22 3.98 -5.57
CA TYR A 89 -2.80 3.91 -5.91
C TYR A 89 -2.48 3.24 -7.24
N ALA A 90 -1.45 3.73 -7.90
CA ALA A 90 -1.03 3.17 -9.20
C ALA A 90 0.47 3.29 -9.25
N VAL A 91 1.13 2.39 -9.97
CA VAL A 91 2.58 2.36 -9.94
C VAL A 91 3.11 2.89 -11.26
N GLN A 92 4.30 3.47 -11.25
CA GLN A 92 4.94 3.85 -12.48
C GLN A 92 6.24 3.07 -12.54
N PRO A 93 6.28 1.99 -13.34
CA PRO A 93 7.44 1.10 -13.31
C PRO A 93 8.74 1.79 -13.71
N SER A 94 8.66 2.70 -14.68
CA SER A 94 9.81 3.51 -15.09
C SER A 94 9.39 4.95 -15.38
N PRO A 95 10.26 5.91 -15.03
CA PRO A 95 9.86 7.31 -15.19
C PRO A 95 9.91 7.73 -16.66
N ASP A 96 8.78 7.68 -17.35
CA ASP A 96 8.74 7.99 -18.79
C ASP A 96 8.16 9.39 -19.05
N GLY A 97 8.13 10.27 -18.05
CA GLY A 97 7.61 11.64 -18.22
C GLY A 97 6.27 11.90 -17.54
N LEU A 98 6.02 13.16 -17.16
CA LEU A 98 4.86 13.52 -16.36
C LEU A 98 3.54 13.21 -17.06
N ALA A 99 3.52 13.28 -18.38
CA ALA A 99 2.29 13.08 -19.12
C ALA A 99 1.86 11.63 -19.12
N GLN A 100 2.74 10.72 -18.67
CA GLN A 100 2.36 9.33 -18.48
C GLN A 100 1.27 9.17 -17.41
N ALA A 101 1.09 10.18 -16.55
CA ALA A 101 0.11 10.11 -15.47
C ALA A 101 -1.26 9.80 -16.01
N PHE A 102 -1.53 10.27 -17.23
CA PHE A 102 -2.86 10.17 -17.83
C PHE A 102 -3.13 8.82 -18.46
N LEU A 103 -2.09 8.17 -18.95
CA LEU A 103 -2.18 6.79 -19.40
C LEU A 103 -2.26 5.87 -18.18
N ILE A 104 -1.31 5.99 -17.26
CA ILE A 104 -1.40 5.27 -16.00
C ILE A 104 -2.74 5.49 -15.29
N GLY A 105 -3.26 6.72 -15.36
CA GLY A 105 -4.48 7.05 -14.63
C GLY A 105 -5.72 7.09 -15.45
N GLU A 106 -5.66 6.51 -16.64
CA GLU A 106 -6.79 6.55 -17.56
C GLU A 106 -8.09 5.96 -16.98
N SER A 107 -7.99 4.79 -16.35
CA SER A 107 -9.19 4.18 -15.76
C SER A 107 -9.70 4.95 -14.55
N PHE A 108 -8.79 5.38 -13.68
CA PHE A 108 -9.13 6.24 -12.52
C PHE A 108 -9.89 7.48 -12.97
N ILE A 109 -9.42 8.14 -14.03
CA ILE A 109 -10.02 9.42 -14.48
C ILE A 109 -11.44 9.20 -15.04
N GLY A 110 -11.63 8.13 -15.80
CA GLY A 110 -12.91 7.83 -16.42
C GLY A 110 -13.33 8.95 -17.35
N ASN A 111 -14.56 9.42 -17.21
CA ASN A 111 -15.09 10.48 -18.06
C ASN A 111 -15.04 11.83 -17.35
N ASP A 112 -14.26 11.92 -16.26
CA ASP A 112 -14.25 13.12 -15.44
C ASP A 112 -13.20 14.12 -15.85
N LEU A 113 -13.33 15.31 -15.29
CA LEU A 113 -12.30 16.34 -15.34
C LEU A 113 -11.20 15.90 -14.38
N SER A 114 -10.02 16.50 -14.49
CA SER A 114 -8.90 16.07 -13.69
C SER A 114 -7.94 17.20 -13.32
N ALA A 115 -7.06 16.89 -12.38
CA ALA A 115 -6.06 17.82 -11.90
C ALA A 115 -4.79 17.05 -11.63
N LEU A 116 -3.69 17.52 -12.16
CA LEU A 116 -2.37 16.93 -11.89
C LEU A 116 -1.50 17.86 -11.02
N VAL A 117 -0.92 17.32 -9.99
CA VAL A 117 0.00 18.06 -9.17
C VAL A 117 1.28 17.21 -9.06
N LEU A 118 2.43 17.85 -9.19
CA LEU A 118 3.69 17.15 -8.93
C LEU A 118 3.86 16.89 -7.41
N GLY A 119 4.33 15.72 -7.05
CA GLY A 119 4.38 15.39 -5.62
C GLY A 119 5.49 16.06 -4.84
N ASP A 120 6.34 16.80 -5.53
CA ASP A 120 7.36 17.59 -4.87
C ASP A 120 7.22 19.09 -5.04
N ASN A 121 6.02 19.58 -5.32
CA ASN A 121 5.77 21.02 -5.39
C ASN A 121 4.98 21.55 -4.21
N LEU A 122 5.40 22.71 -3.72
CA LEU A 122 4.68 23.32 -2.66
C LEU A 122 4.38 24.79 -2.94
N TYR A 123 3.18 25.16 -2.54
CA TYR A 123 2.64 26.47 -2.82
C TYR A 123 2.28 27.06 -1.48
N TYR A 124 2.48 28.35 -1.33
CA TYR A 124 2.04 29.09 -0.15
C TYR A 124 1.57 30.47 -0.59
N GLY A 125 0.53 31.00 0.03
CA GLY A 125 0.13 32.39 -0.18
C GLY A 125 -1.33 32.64 -0.09
N HIS A 126 -1.70 33.92 -0.07
CA HIS A 126 -3.05 34.29 0.39
C HIS A 126 -4.06 34.21 -0.69
N ASP A 127 -5.26 33.71 -0.37
CA ASP A 127 -6.32 33.57 -1.36
C ASP A 127 -5.90 32.54 -2.44
N PHE A 128 -5.20 31.50 -1.99
CA PHE A 128 -4.81 30.37 -2.84
C PHE A 128 -6.04 29.55 -3.21
N HIS A 129 -6.89 29.34 -2.22
CA HIS A 129 -8.23 28.72 -2.41
C HIS A 129 -9.00 29.33 -3.55
N GLU A 130 -8.93 30.64 -3.67
CA GLU A 130 -9.67 31.39 -4.67
C GLU A 130 -8.99 31.30 -6.04
N LEU A 131 -7.66 31.36 -6.06
CA LEU A 131 -6.91 31.13 -7.30
C LEU A 131 -7.15 29.72 -7.91
N LEU A 132 -7.27 28.72 -7.06
CA LEU A 132 -7.56 27.36 -7.50
C LEU A 132 -9.03 27.24 -7.89
N GLY A 133 -9.88 28.07 -7.28
CA GLY A 133 -11.33 27.98 -7.50
C GLY A 133 -11.67 28.25 -8.95
N SER A 134 -11.09 29.29 -9.50
CA SER A 134 -11.38 29.69 -10.87
C SER A 134 -10.89 28.65 -11.88
N ALA A 135 -9.75 28.03 -11.59
CA ALA A 135 -9.22 26.99 -12.45
C ALA A 135 -10.13 25.74 -12.37
N SER A 136 -10.56 25.39 -11.17
CA SER A 136 -11.39 24.22 -10.95
C SER A 136 -12.81 24.39 -11.53
N GLN A 137 -13.34 25.62 -11.54
CA GLN A 137 -14.72 25.91 -11.97
C GLN A 137 -14.83 25.88 -13.49
N ARG A 138 -13.72 26.18 -14.16
CA ARG A 138 -13.62 26.11 -15.60
C ARG A 138 -13.72 24.65 -16.06
N GLN A 139 -14.86 24.27 -16.63
CA GLN A 139 -15.13 22.88 -16.96
C GLN A 139 -14.66 22.49 -18.36
N THR A 140 -14.12 23.46 -19.09
CA THR A 140 -13.63 23.22 -20.45
C THR A 140 -12.20 23.71 -20.56
N GLY A 141 -11.42 23.09 -21.43
CA GLY A 141 -10.05 23.50 -21.63
C GLY A 141 -9.16 23.10 -20.47
N ALA A 142 -7.96 23.70 -20.44
CA ALA A 142 -6.91 23.43 -19.47
C ALA A 142 -6.54 24.72 -18.75
N SER A 143 -6.12 24.59 -17.48
CA SER A 143 -5.60 25.72 -16.71
C SER A 143 -4.25 25.41 -16.07
N VAL A 144 -3.28 26.30 -16.25
CA VAL A 144 -1.97 26.23 -15.60
C VAL A 144 -1.65 27.58 -14.99
N PHE A 145 -0.56 27.63 -14.22
CA PHE A 145 -0.20 28.85 -13.53
C PHE A 145 1.24 29.18 -13.88
N ALA A 146 1.48 30.45 -14.18
CA ALA A 146 2.78 30.96 -14.57
C ALA A 146 3.36 31.75 -13.39
N TYR A 147 4.60 31.50 -13.03
CA TYR A 147 5.23 32.14 -11.89
C TYR A 147 6.59 32.62 -12.30
N HIS A 148 6.94 33.85 -11.94
CA HIS A 148 8.24 34.45 -12.28
C HIS A 148 9.35 33.78 -11.53
N VAL A 149 10.37 33.29 -12.22
CA VAL A 149 11.48 32.59 -11.60
C VAL A 149 12.80 33.16 -12.10
N LEU A 150 13.87 32.96 -11.35
CA LEU A 150 15.23 33.36 -11.72
C LEU A 150 15.79 32.54 -12.86
N ASP A 151 15.36 31.29 -12.94
CA ASP A 151 15.95 30.30 -13.80
C ASP A 151 14.87 29.62 -14.65
N PRO A 152 14.17 30.39 -15.50
CA PRO A 152 13.13 29.81 -16.35
C PRO A 152 13.60 28.71 -17.28
N GLU A 153 14.88 28.71 -17.62
CA GLU A 153 15.46 27.65 -18.46
C GLU A 153 15.26 26.25 -17.93
N ARG A 154 14.94 26.14 -16.63
CA ARG A 154 14.74 24.84 -16.03
C ARG A 154 13.35 24.33 -16.27
N TYR A 155 12.44 25.18 -16.72
CA TYR A 155 11.03 24.84 -16.68
C TYR A 155 10.34 24.92 -18.02
N GLY A 156 9.05 24.70 -18.02
CA GLY A 156 8.22 25.08 -19.17
C GLY A 156 8.02 26.57 -19.08
N VAL A 157 8.32 27.29 -20.15
CA VAL A 157 8.27 28.73 -20.15
C VAL A 157 7.13 29.24 -21.01
N VAL A 158 6.38 30.20 -20.49
CA VAL A 158 5.28 30.75 -21.25
C VAL A 158 5.64 32.16 -21.76
N GLU A 159 5.37 32.40 -23.03
CA GLU A 159 5.63 33.70 -23.65
C GLU A 159 4.30 34.42 -23.78
N PHE A 160 4.30 35.72 -23.55
CA PHE A 160 3.05 36.47 -23.61
C PHE A 160 3.19 37.55 -24.68
N ASP A 161 2.11 37.85 -25.38
CA ASP A 161 2.13 39.02 -26.28
C ASP A 161 1.90 40.30 -25.45
N GLN A 162 1.94 41.45 -26.12
CA GLN A 162 1.86 42.74 -25.43
C GLN A 162 0.51 42.91 -24.72
N GLY A 163 -0.52 42.24 -25.21
CA GLY A 163 -1.81 42.24 -24.51
C GLY A 163 -1.84 41.33 -23.28
N GLY A 164 -0.78 40.56 -23.07
CA GLY A 164 -0.72 39.60 -21.97
C GLY A 164 -1.36 38.27 -22.31
N LYS A 165 -1.46 37.96 -23.60
CA LYS A 165 -2.01 36.68 -24.03
C LYS A 165 -0.86 35.69 -24.19
N ALA A 166 -1.08 34.46 -23.71
CA ALA A 166 -0.09 33.39 -23.86
C ALA A 166 -0.05 33.03 -25.34
N ILE A 167 1.13 33.09 -25.96
CA ILE A 167 1.24 32.75 -27.38
C ILE A 167 2.21 31.63 -27.73
N SER A 168 3.02 31.19 -26.77
CA SER A 168 3.85 30.00 -26.98
C SER A 168 4.30 29.40 -25.66
N LEU A 169 4.70 28.13 -25.73
CA LEU A 169 5.25 27.39 -24.60
C LEU A 169 6.48 26.69 -25.10
N GLU A 170 7.50 26.60 -24.27
CA GLU A 170 8.73 25.90 -24.67
C GLU A 170 9.27 25.19 -23.48
N GLU A 171 9.71 23.96 -23.65
CA GLU A 171 10.18 23.16 -22.52
C GLU A 171 11.70 23.33 -22.36
N LYS A 172 12.12 23.90 -21.24
CA LYS A 172 13.54 24.11 -20.93
C LYS A 172 14.33 24.86 -22.02
N PRO A 173 13.83 26.01 -22.46
CA PRO A 173 14.55 26.66 -23.56
C PRO A 173 15.86 27.20 -23.04
N LEU A 174 16.91 27.09 -23.84
CA LEU A 174 18.21 27.69 -23.52
C LEU A 174 18.13 29.22 -23.41
N GLU A 175 17.21 29.82 -24.17
CA GLU A 175 17.05 31.26 -24.17
C GLU A 175 15.58 31.55 -23.94
N PRO A 176 15.16 31.61 -22.66
CA PRO A 176 13.76 31.77 -22.33
C PRO A 176 13.17 33.05 -22.91
N LYS A 177 11.92 33.00 -23.37
CA LYS A 177 11.27 34.18 -23.92
C LYS A 177 10.72 35.10 -22.82
N SER A 178 10.58 34.56 -21.61
CA SER A 178 10.20 35.30 -20.44
C SER A 178 10.76 34.55 -19.25
N ASN A 179 10.61 35.13 -18.08
CA ASN A 179 10.96 34.45 -16.84
C ASN A 179 9.77 33.73 -16.19
N TYR A 180 8.63 33.61 -16.90
CA TYR A 180 7.44 32.93 -16.43
C TYR A 180 7.42 31.41 -16.65
N ALA A 181 7.65 30.67 -15.57
CA ALA A 181 7.61 29.23 -15.58
C ALA A 181 6.21 28.67 -15.27
N VAL A 182 5.85 27.60 -15.94
CA VAL A 182 4.59 26.88 -15.66
C VAL A 182 4.81 26.05 -14.41
N THR A 183 4.01 26.30 -13.37
CA THR A 183 4.12 25.56 -12.12
C THR A 183 3.60 24.11 -12.31
N GLY A 184 3.81 23.28 -11.30
CA GLY A 184 3.51 21.85 -11.39
C GLY A 184 2.13 21.50 -10.86
N LEU A 185 1.13 22.28 -11.28
CA LEU A 185 -0.26 22.07 -10.95
C LEU A 185 -1.00 22.36 -12.23
N TYR A 186 -1.75 21.37 -12.72
CA TYR A 186 -2.40 21.48 -14.00
C TYR A 186 -3.86 21.04 -13.88
N PHE A 187 -4.75 21.82 -14.46
CA PHE A 187 -6.19 21.54 -14.50
C PHE A 187 -6.66 21.16 -15.93
N TYR A 188 -7.37 20.03 -16.09
CA TYR A 188 -7.72 19.49 -17.43
C TYR A 188 -9.16 19.02 -17.57
N ASP A 189 -9.68 19.12 -18.78
CA ASP A 189 -11.03 18.68 -19.08
C ASP A 189 -10.91 17.25 -19.55
N GLN A 190 -11.95 16.73 -20.19
CA GLN A 190 -12.00 15.32 -20.58
C GLN A 190 -11.17 15.01 -21.81
N GLN A 191 -10.52 15.99 -22.42
CA GLN A 191 -9.73 15.74 -23.62
C GLN A 191 -8.32 15.24 -23.36
N VAL A 192 -7.85 15.32 -22.12
CA VAL A 192 -6.41 15.14 -21.84
C VAL A 192 -5.88 13.73 -22.03
N VAL A 193 -6.68 12.73 -21.64
CA VAL A 193 -6.27 11.35 -21.81
C VAL A 193 -6.02 11.05 -23.30
N ASP A 194 -6.90 11.53 -24.18
CA ASP A 194 -6.73 11.45 -25.65
C ASP A 194 -5.55 12.24 -26.19
N ILE A 195 -5.36 13.47 -25.72
CA ILE A 195 -4.16 14.23 -26.06
C ILE A 195 -2.92 13.44 -25.63
N ALA A 196 -2.91 12.97 -24.38
CA ALA A 196 -1.78 12.16 -23.87
C ALA A 196 -1.50 10.90 -24.70
N ARG A 197 -2.55 10.15 -25.09
CA ARG A 197 -2.33 8.89 -25.81
C ARG A 197 -1.64 9.10 -27.18
N ASP A 198 -1.89 10.24 -27.84
CA ASP A 198 -1.21 10.58 -29.09
C ASP A 198 0.22 11.18 -28.93
N LEU A 199 0.68 11.38 -27.70
CA LEU A 199 2.01 11.97 -27.52
C LEU A 199 3.07 11.03 -28.05
N LYS A 200 4.06 11.58 -28.75
CA LYS A 200 5.23 10.81 -29.14
C LYS A 200 6.32 11.20 -28.17
N PRO A 201 7.14 10.23 -27.71
CA PRO A 201 8.28 10.55 -26.88
C PRO A 201 9.15 11.71 -27.42
N SER A 202 9.78 12.43 -26.52
CA SER A 202 10.71 13.48 -26.87
C SER A 202 12.08 12.83 -27.03
N PRO A 203 13.08 13.56 -27.56
CA PRO A 203 14.40 12.97 -27.81
C PRO A 203 15.06 12.26 -26.60
N ARG A 204 14.77 12.70 -25.38
CA ARG A 204 15.34 12.07 -24.18
C ARG A 204 14.43 11.01 -23.54
N GLY A 205 13.48 10.49 -24.31
CA GLY A 205 12.63 9.37 -23.89
C GLY A 205 11.59 9.69 -22.82
N GLU A 206 10.84 10.77 -23.03
CA GLU A 206 9.81 11.22 -22.08
C GLU A 206 8.57 11.78 -22.78
N LEU A 207 7.40 11.56 -22.20
CA LEU A 207 6.13 12.13 -22.67
C LEU A 207 5.86 13.43 -21.90
N GLU A 208 5.92 14.56 -22.62
CA GLU A 208 6.10 15.87 -22.01
C GLU A 208 4.76 16.54 -21.74
N ILE A 209 4.53 16.93 -20.49
CA ILE A 209 3.36 17.69 -20.16
C ILE A 209 3.28 18.97 -21.00
N THR A 210 4.42 19.54 -21.41
CA THR A 210 4.41 20.79 -22.19
C THR A 210 3.83 20.57 -23.59
N ASP A 211 4.02 19.38 -24.14
CA ASP A 211 3.29 18.97 -25.36
C ASP A 211 1.79 18.88 -25.15
N VAL A 212 1.35 18.36 -23.99
CA VAL A 212 -0.08 18.38 -23.64
C VAL A 212 -0.60 19.81 -23.56
N ASN A 213 0.10 20.66 -22.83
CA ASN A 213 -0.33 22.06 -22.71
C ASN A 213 -0.24 22.80 -24.05
N ARG A 214 0.78 22.53 -24.85
CA ARG A 214 0.80 23.15 -26.18
C ARG A 214 -0.43 22.70 -27.00
N ALA A 215 -0.79 21.41 -26.93
CA ALA A 215 -2.01 20.92 -27.58
C ALA A 215 -3.21 21.80 -27.21
N TYR A 216 -3.42 22.04 -25.93
CA TYR A 216 -4.52 22.90 -25.53
C TYR A 216 -4.30 24.29 -26.10
N LEU A 217 -3.07 24.80 -26.06
CA LEU A 217 -2.82 26.16 -26.55
C LEU A 217 -3.26 26.30 -28.02
N GLU A 218 -2.88 25.33 -28.85
CA GLU A 218 -3.16 25.39 -30.29
C GLU A 218 -4.67 25.30 -30.61
N ARG A 219 -5.47 24.71 -29.70
CA ARG A 219 -6.95 24.69 -29.83
C ARG A 219 -7.62 25.93 -29.23
N GLY A 220 -6.85 26.84 -28.65
CA GLY A 220 -7.41 28.03 -27.98
C GLY A 220 -8.06 27.73 -26.64
N GLN A 221 -7.63 26.66 -25.97
CA GLN A 221 -8.28 26.30 -24.72
C GLN A 221 -7.31 26.24 -23.53
N LEU A 222 -6.21 26.98 -23.57
CA LEU A 222 -5.29 27.08 -22.45
C LEU A 222 -5.48 28.43 -21.84
N SER A 223 -5.99 28.42 -20.62
CA SER A 223 -5.91 29.53 -19.70
C SER A 223 -4.56 29.48 -18.92
N VAL A 224 -3.83 30.60 -18.91
CA VAL A 224 -2.59 30.74 -18.14
C VAL A 224 -2.79 31.90 -17.16
N GLU A 225 -3.04 31.56 -15.92
CA GLU A 225 -3.22 32.55 -14.90
C GLU A 225 -1.88 32.85 -14.24
N ILE A 226 -1.66 34.11 -13.90
CA ILE A 226 -0.45 34.49 -13.22
C ILE A 226 -0.62 34.17 -11.73
N MET A 227 0.35 33.45 -11.19
CA MET A 227 0.48 33.29 -9.75
C MET A 227 1.50 34.38 -9.41
N GLY A 228 1.06 35.37 -8.63
CA GLY A 228 1.85 36.58 -8.46
C GLY A 228 3.05 36.34 -7.58
N ARG A 229 3.85 37.39 -7.39
CA ARG A 229 5.08 37.32 -6.62
C ARG A 229 4.79 37.25 -5.14
N GLY A 230 3.61 37.71 -4.74
CA GLY A 230 3.14 37.50 -3.35
C GLY A 230 2.84 36.04 -2.99
N TYR A 231 2.92 35.11 -3.95
CA TYR A 231 2.90 33.67 -3.64
C TYR A 231 4.28 33.06 -3.59
N ALA A 232 4.44 32.01 -2.77
CA ALA A 232 5.66 31.20 -2.82
C ALA A 232 5.39 29.87 -3.52
N TRP A 233 6.01 29.67 -4.67
CA TRP A 233 6.06 28.38 -5.31
C TRP A 233 7.45 27.91 -5.09
N LEU A 234 7.65 26.97 -4.16
CA LEU A 234 9.01 26.65 -3.71
C LEU A 234 9.64 25.50 -4.52
N ASP A 235 10.96 25.51 -4.47
CA ASP A 235 11.81 24.60 -5.18
C ASP A 235 12.24 23.42 -4.29
N THR A 236 11.95 22.18 -4.67
CA THR A 236 12.62 21.03 -4.04
C THR A 236 13.51 20.19 -4.99
N GLY A 237 14.10 20.87 -5.97
CA GLY A 237 14.94 20.22 -6.97
C GLY A 237 16.37 19.89 -6.54
N THR A 238 16.90 20.64 -5.58
CA THR A 238 18.24 20.41 -5.09
C THR A 238 18.19 20.20 -3.57
N HIS A 239 19.28 19.65 -3.03
CA HIS A 239 19.48 19.56 -1.60
C HIS A 239 19.38 20.93 -0.99
N ASP A 240 19.99 21.91 -1.62
CA ASP A 240 19.93 23.29 -1.14
C ASP A 240 18.51 23.85 -1.14
N SER A 241 17.75 23.59 -2.20
CA SER A 241 16.43 24.19 -2.29
C SER A 241 15.45 23.52 -1.33
N LEU A 242 15.68 22.23 -1.08
CA LEU A 242 14.94 21.42 -0.10
C LEU A 242 15.11 22.01 1.30
N LEU A 243 16.36 22.28 1.66
CA LEU A 243 16.69 22.95 2.89
C LEU A 243 16.07 24.34 2.98
N GLU A 244 16.09 25.13 1.90
CA GLU A 244 15.38 26.43 1.92
C GLU A 244 13.86 26.27 2.07
N ALA A 245 13.28 25.28 1.41
CA ALA A 245 11.84 25.00 1.59
C ALA A 245 11.49 24.65 3.07
N GLY A 246 12.33 23.88 3.77
CA GLY A 246 12.08 23.55 5.17
C GLY A 246 12.22 24.73 6.11
N GLN A 247 13.29 25.52 5.92
CA GLN A 247 13.47 26.77 6.67
CA GLN A 247 13.46 26.75 6.70
C GLN A 247 12.30 27.74 6.49
N PHE A 248 11.81 27.83 5.25
CA PHE A 248 10.70 28.70 4.88
C PHE A 248 9.41 28.36 5.64
N ILE A 249 9.06 27.08 5.64
CA ILE A 249 7.85 26.61 6.30
C ILE A 249 8.03 26.73 7.84
N ALA A 250 9.19 26.36 8.38
CA ALA A 250 9.47 26.54 9.81
C ALA A 250 9.27 28.01 10.24
N THR A 251 9.79 28.94 9.47
CA THR A 251 9.65 30.36 9.77
C THR A 251 8.19 30.80 9.83
N LEU A 252 7.42 30.45 8.81
CA LEU A 252 5.97 30.77 8.83
C LEU A 252 5.25 30.09 10.00
N GLU A 253 5.56 28.84 10.27
CA GLU A 253 4.77 28.09 11.26
C GLU A 253 5.09 28.50 12.71
N ASN A 254 6.36 28.76 12.95
CA ASN A 254 6.78 29.22 14.24
C ASN A 254 6.38 30.67 14.51
N ARG A 255 6.21 31.44 13.47
CA ARG A 255 5.73 32.78 13.63
C ARG A 255 4.25 32.75 14.03
N GLN A 256 3.45 32.05 13.26
CA GLN A 256 2.00 32.19 13.30
C GLN A 256 1.32 31.27 14.33
N GLY A 257 1.99 30.19 14.71
CA GLY A 257 1.36 29.12 15.43
C GLY A 257 0.29 28.40 14.59
N LEU A 258 0.40 28.46 13.27
CA LEU A 258 -0.48 27.76 12.33
C LEU A 258 0.43 26.94 11.43
N LYS A 259 -0.09 25.83 10.91
CA LYS A 259 0.70 24.95 10.08
C LYS A 259 0.32 25.17 8.66
N VAL A 260 1.30 25.04 7.77
CA VAL A 260 1.05 25.01 6.33
C VAL A 260 0.83 23.56 5.89
N ALA A 261 -0.22 23.32 5.10
CA ALA A 261 -0.44 22.01 4.48
C ALA A 261 -0.59 20.88 5.50
N CYS A 262 -1.42 21.14 6.49
CA CYS A 262 -1.90 20.16 7.45
C CYS A 262 -3.19 19.54 6.90
N PRO A 263 -3.11 18.31 6.34
CA PRO A 263 -4.31 17.75 5.75
C PRO A 263 -5.48 17.58 6.73
N GLU A 264 -5.19 17.25 7.98
CA GLU A 264 -6.29 17.06 8.93
C GLU A 264 -7.08 18.32 9.10
N GLU A 265 -6.35 19.43 9.27
CA GLU A 265 -6.94 20.75 9.43
C GLU A 265 -7.79 21.15 8.26
N ILE A 266 -7.29 20.88 7.05
CA ILE A 266 -7.97 21.31 5.83
C ILE A 266 -9.22 20.48 5.66
N ALA A 267 -9.13 19.16 5.85
CA ALA A 267 -10.38 18.39 5.79
C ALA A 267 -11.39 18.91 6.88
N TYR A 268 -10.91 19.18 8.09
CA TYR A 268 -11.77 19.75 9.12
C TYR A 268 -12.50 21.03 8.66
N ARG A 269 -11.78 21.93 8.01
CA ARG A 269 -12.30 23.27 7.70
C ARG A 269 -13.23 23.22 6.52
N GLN A 270 -12.96 22.27 5.63
CA GLN A 270 -13.82 21.99 4.49
C GLN A 270 -15.15 21.28 4.90
N LYS A 271 -15.21 20.80 6.14
CA LYS A 271 -16.35 20.01 6.64
C LYS A 271 -16.42 18.60 6.02
N TRP A 272 -15.26 18.06 5.66
CA TRP A 272 -15.15 16.66 5.23
C TRP A 272 -14.98 15.72 6.36
N ILE A 273 -14.39 16.19 7.46
CA ILE A 273 -14.43 15.49 8.74
C ILE A 273 -14.98 16.46 9.78
N ASP A 274 -15.39 15.92 10.93
CA ASP A 274 -16.03 16.72 11.99
C ASP A 274 -15.14 16.70 13.20
N ALA A 275 -15.56 17.43 14.24
CA ALA A 275 -14.80 17.59 15.47
C ALA A 275 -14.35 16.29 16.11
N ALA A 276 -15.26 15.34 16.19
CA ALA A 276 -14.96 14.06 16.85
C ALA A 276 -13.95 13.29 16.05
N GLN A 277 -14.10 13.26 14.72
CA GLN A 277 -13.07 12.59 13.90
C GLN A 277 -11.69 13.24 14.05
N LEU A 278 -11.65 14.57 14.04
CA LEU A 278 -10.41 15.28 14.26
C LEU A 278 -9.80 14.97 15.64
N GLU A 279 -10.64 14.89 16.67
CA GLU A 279 -10.23 14.43 18.02
C GLU A 279 -9.58 13.05 18.01
N LYS A 280 -10.14 12.11 17.27
CA LYS A 280 -9.54 10.77 17.09
C LYS A 280 -8.19 10.75 16.36
N LEU A 281 -8.04 11.63 15.37
CA LEU A 281 -6.81 11.67 14.58
C LEU A 281 -5.68 12.24 15.39
N ALA A 282 -6.03 13.18 16.27
CA ALA A 282 -5.10 13.77 17.25
C ALA A 282 -4.55 12.80 18.30
N ALA A 283 -5.40 11.89 18.80
CA ALA A 283 -5.01 11.06 19.96
C ALA A 283 -3.65 10.35 19.80
N PRO A 284 -3.45 9.55 18.72
CA PRO A 284 -2.17 8.85 18.59
C PRO A 284 -0.97 9.76 18.42
N LEU A 285 -1.22 11.04 18.15
CA LEU A 285 -0.16 12.06 18.10
C LEU A 285 -0.20 13.03 19.29
N ALA A 286 -0.98 12.74 20.33
CA ALA A 286 -1.18 13.70 21.44
C ALA A 286 0.10 14.19 22.15
N LYS A 287 1.15 13.37 22.18
CA LYS A 287 2.39 13.72 22.89
C LYS A 287 3.31 14.66 22.09
N ASN A 288 3.11 14.77 20.78
CA ASN A 288 3.97 15.63 19.98
C ASN A 288 3.21 16.86 19.56
N GLY A 289 3.94 17.84 19.01
CA GLY A 289 3.39 19.15 18.62
C GLY A 289 2.30 19.06 17.57
N TYR A 290 2.36 18.05 16.71
CA TYR A 290 1.40 17.94 15.61
C TYR A 290 0.00 17.57 16.16
N GLY A 291 -0.06 16.51 16.95
CA GLY A 291 -1.32 16.16 17.63
C GLY A 291 -1.81 17.24 18.59
N GLN A 292 -0.90 17.94 19.26
CA GLN A 292 -1.36 19.00 20.20
C GLN A 292 -1.95 20.12 19.38
N TYR A 293 -1.39 20.33 18.17
CA TYR A 293 -1.96 21.28 17.19
C TYR A 293 -3.32 20.89 16.66
N LEU A 294 -3.53 19.61 16.38
CA LEU A 294 -4.86 19.16 15.93
C LEU A 294 -5.92 19.36 17.03
N LYS A 295 -5.55 19.07 18.27
CA LYS A 295 -6.39 19.31 19.43
C LYS A 295 -6.75 20.78 19.53
N ARG A 296 -5.76 21.68 19.44
CA ARG A 296 -6.05 23.13 19.58
C ARG A 296 -7.02 23.64 18.54
N LEU A 297 -7.04 23.08 17.33
CA LEU A 297 -7.99 23.50 16.32
C LEU A 297 -9.47 23.36 16.72
N LEU A 298 -9.76 22.38 17.60
CA LEU A 298 -11.15 22.11 18.01
C LEU A 298 -11.75 23.26 18.80
N THR A 299 -10.87 24.01 19.49
CA THR A 299 -11.27 25.10 20.37
C THR A 299 -11.38 26.45 19.64
N GLU A 300 -10.36 26.76 18.85
CA GLU A 300 -10.07 28.12 18.39
C GLU A 300 -10.78 28.49 17.09
N THR A 301 -11.23 29.73 16.96
CA THR A 301 -11.64 30.28 15.64
C THR A 301 -10.41 30.91 14.91
N VAL A 302 -10.09 30.36 13.75
CA VAL A 302 -8.96 30.83 12.97
C VAL A 302 -9.60 31.46 11.75
N TYR A 303 -9.45 32.79 11.61
CA TYR A 303 -10.05 33.52 10.48
C TYR A 303 -9.24 33.47 9.21
N MET B 11 22.60 -20.35 4.68
CA MET B 11 22.31 -19.57 3.43
C MET B 11 20.82 -19.19 3.28
N LYS B 12 20.59 -17.92 2.98
CA LYS B 12 19.23 -17.37 2.96
C LYS B 12 18.46 -17.80 1.72
N ARG B 13 17.20 -18.23 1.92
CA ARG B 13 16.33 -18.56 0.78
C ARG B 13 15.25 -17.51 0.64
N LYS B 14 15.12 -16.94 -0.56
CA LYS B 14 14.20 -15.86 -0.85
C LYS B 14 13.04 -16.47 -1.62
N GLY B 15 11.85 -15.93 -1.43
CA GLY B 15 10.68 -16.46 -2.10
C GLY B 15 10.20 -15.54 -3.18
N ILE B 16 9.58 -16.13 -4.19
CA ILE B 16 8.82 -15.37 -5.17
C ILE B 16 7.44 -15.97 -5.27
N ILE B 17 6.41 -15.11 -5.31
CA ILE B 17 5.06 -15.53 -5.65
C ILE B 17 4.66 -14.94 -6.98
N LEU B 18 4.26 -15.79 -7.90
CA LEU B 18 3.82 -15.28 -9.19
C LEU B 18 2.32 -15.15 -9.17
N ALA B 19 1.86 -13.91 -9.17
CA ALA B 19 0.46 -13.58 -9.05
C ALA B 19 0.07 -12.85 -10.32
N GLY B 20 0.24 -13.55 -11.44
CA GLY B 20 0.15 -12.97 -12.76
C GLY B 20 -1.25 -12.79 -13.29
N GLY B 21 -1.29 -12.28 -14.52
CA GLY B 21 -2.55 -12.02 -15.21
C GLY B 21 -3.10 -13.35 -15.66
N SER B 22 -4.40 -13.56 -15.42
CA SER B 22 -5.12 -14.74 -15.91
C SER B 22 -5.87 -14.40 -17.20
N GLY B 23 -5.42 -13.34 -17.87
CA GLY B 23 -6.09 -12.82 -19.06
C GLY B 23 -7.57 -12.63 -18.79
N THR B 24 -8.38 -13.24 -19.64
CA THR B 24 -9.82 -13.11 -19.62
C THR B 24 -10.51 -14.39 -19.17
N ARG B 25 -9.73 -15.46 -18.97
CA ARG B 25 -10.28 -16.80 -18.73
C ARG B 25 -11.34 -16.91 -17.64
N LEU B 26 -11.25 -16.07 -16.60
CA LEU B 26 -12.22 -16.10 -15.50
C LEU B 26 -13.16 -14.91 -15.53
N HIS B 27 -13.10 -14.08 -16.58
CA HIS B 27 -14.02 -12.94 -16.70
C HIS B 27 -15.44 -13.43 -16.80
N PRO B 28 -16.39 -12.62 -16.31
CA PRO B 28 -16.25 -11.28 -15.73
C PRO B 28 -15.98 -11.23 -14.22
N ALA B 29 -16.06 -12.35 -13.51
CA ALA B 29 -15.71 -12.37 -12.08
C ALA B 29 -14.40 -11.62 -11.80
N THR B 30 -13.41 -11.81 -12.67
CA THR B 30 -12.09 -11.20 -12.47
C THR B 30 -11.89 -9.82 -13.15
N LEU B 31 -12.95 -9.26 -13.74
CA LEU B 31 -12.96 -7.84 -14.13
C LEU B 31 -12.96 -6.94 -12.91
N ALA B 32 -13.67 -7.39 -11.88
CA ALA B 32 -13.73 -6.65 -10.60
C ALA B 32 -12.40 -6.63 -9.86
N ILE B 33 -11.78 -7.82 -9.73
CA ILE B 33 -10.49 -8.03 -9.06
C ILE B 33 -9.71 -9.18 -9.65
N SER B 34 -8.39 -9.10 -9.62
CA SER B 34 -7.53 -10.14 -10.19
C SER B 34 -7.66 -11.47 -9.43
N LYS B 35 -7.43 -12.57 -10.11
CA LYS B 35 -7.68 -13.90 -9.58
C LYS B 35 -7.10 -14.09 -8.17
N GLN B 36 -5.84 -13.71 -7.96
CA GLN B 36 -5.21 -14.00 -6.69
C GLN B 36 -5.68 -13.09 -5.55
N LEU B 37 -6.59 -12.16 -5.86
CA LEU B 37 -7.29 -11.41 -4.82
C LEU B 37 -8.68 -11.97 -4.47
N LEU B 38 -9.24 -12.84 -5.30
CA LEU B 38 -10.52 -13.45 -4.95
C LEU B 38 -10.32 -14.28 -3.69
N PRO B 39 -11.33 -14.38 -2.85
CA PRO B 39 -11.12 -15.22 -1.67
C PRO B 39 -11.30 -16.71 -1.95
N VAL B 40 -10.57 -17.54 -1.21
CA VAL B 40 -10.90 -18.94 -1.08
C VAL B 40 -11.55 -19.05 0.29
N TYR B 41 -12.87 -19.16 0.30
CA TYR B 41 -13.69 -19.09 1.53
C TYR B 41 -13.62 -17.75 2.28
N ASP B 42 -12.67 -17.59 3.20
CA ASP B 42 -12.67 -16.49 4.14
C ASP B 42 -11.43 -15.59 4.01
N LYS B 43 -10.53 -15.89 3.09
CA LYS B 43 -9.33 -15.10 2.99
C LYS B 43 -8.87 -15.08 1.56
N PRO B 44 -8.18 -14.00 1.18
CA PRO B 44 -7.72 -13.88 -0.23
C PRO B 44 -6.86 -15.05 -0.73
N MET B 45 -6.89 -15.30 -2.03
CA MET B 45 -6.24 -16.50 -2.57
C MET B 45 -4.77 -16.50 -2.20
N ILE B 46 -4.15 -15.32 -2.29
CA ILE B 46 -2.73 -15.16 -2.14
C ILE B 46 -2.21 -15.54 -0.78
N TYR B 47 -3.03 -15.41 0.27
CA TYR B 47 -2.65 -15.90 1.64
C TYR B 47 -2.19 -17.38 1.69
N TYR B 48 -2.74 -18.20 0.81
CA TYR B 48 -2.40 -19.60 0.83
C TYR B 48 -0.96 -19.87 0.32
N PRO B 49 -0.59 -19.43 -0.91
CA PRO B 49 0.82 -19.63 -1.32
C PRO B 49 1.79 -18.85 -0.45
N LEU B 50 1.36 -17.70 0.05
CA LEU B 50 2.15 -16.94 1.01
C LEU B 50 2.42 -17.78 2.26
N SER B 51 1.35 -18.34 2.81
CA SER B 51 1.50 -19.18 4.01
C SER B 51 2.41 -20.38 3.76
N THR B 52 2.36 -20.95 2.55
CA THR B 52 3.25 -22.03 2.17
C THR B 52 4.73 -21.64 2.24
N LEU B 53 5.08 -20.49 1.66
CA LEU B 53 6.42 -19.99 1.77
C LEU B 53 6.83 -19.70 3.23
N MET B 54 5.99 -19.03 3.99
CA MET B 54 6.24 -18.81 5.41
C MET B 54 6.46 -20.11 6.17
N LEU B 55 5.68 -21.13 5.85
CA LEU B 55 5.86 -22.44 6.47
C LEU B 55 7.20 -23.09 6.09
N ALA B 56 7.70 -22.84 4.88
CA ALA B 56 9.06 -23.19 4.52
C ALA B 56 10.15 -22.30 5.23
N GLY B 57 9.76 -21.38 6.10
CA GLY B 57 10.70 -20.51 6.80
C GLY B 57 11.22 -19.36 5.94
N ILE B 58 10.50 -19.02 4.87
CA ILE B 58 10.89 -17.95 3.98
C ILE B 58 10.20 -16.64 4.40
N ARG B 59 10.98 -15.58 4.61
CA ARG B 59 10.47 -14.30 5.14
C ARG B 59 10.60 -13.13 4.16
N GLU B 60 11.44 -13.29 3.14
CA GLU B 60 11.72 -12.26 2.19
C GLU B 60 11.12 -12.73 0.93
N ILE B 61 10.08 -12.04 0.47
CA ILE B 61 9.27 -12.57 -0.62
C ILE B 61 9.01 -11.47 -1.65
N LEU B 62 9.26 -11.79 -2.93
CA LEU B 62 8.89 -10.92 -4.06
C LEU B 62 7.57 -11.37 -4.67
N ILE B 63 6.60 -10.46 -4.73
CA ILE B 63 5.33 -10.68 -5.38
C ILE B 63 5.35 -10.01 -6.74
N ILE B 64 5.21 -10.82 -7.78
CA ILE B 64 5.22 -10.36 -9.18
C ILE B 64 3.79 -10.43 -9.71
N SER B 65 3.25 -9.31 -10.17
CA SER B 65 1.91 -9.24 -10.74
C SER B 65 1.83 -8.18 -11.84
N THR B 66 0.67 -7.94 -12.42
CA THR B 66 0.55 -6.91 -13.48
C THR B 66 0.69 -5.49 -12.90
N PRO B 67 0.99 -4.51 -13.75
CA PRO B 67 1.02 -3.14 -13.22
C PRO B 67 -0.30 -2.72 -12.52
N GLN B 68 -1.45 -3.15 -13.01
CA GLN B 68 -2.72 -2.65 -12.45
C GLN B 68 -2.97 -3.28 -11.08
N ASP B 69 -2.41 -4.46 -10.91
CA ASP B 69 -2.70 -5.34 -9.80
C ASP B 69 -1.72 -5.15 -8.67
N THR B 70 -0.50 -4.73 -8.98
CA THR B 70 0.53 -4.54 -7.96
C THR B 70 0.04 -3.68 -6.80
N PRO B 71 -0.54 -2.49 -7.09
CA PRO B 71 -1.00 -1.68 -5.94
C PRO B 71 -2.06 -2.36 -5.13
N ARG B 72 -2.89 -3.19 -5.76
CA ARG B 72 -3.93 -3.92 -5.03
C ARG B 72 -3.33 -4.93 -4.04
N PHE B 73 -2.35 -5.71 -4.48
CA PHE B 73 -1.67 -6.64 -3.56
C PHE B 73 -0.96 -5.85 -2.45
N GLN B 74 -0.43 -4.68 -2.82
CA GLN B 74 0.32 -3.83 -1.89
C GLN B 74 -0.57 -3.26 -0.80
N GLN B 75 -1.79 -2.94 -1.18
CA GLN B 75 -2.75 -2.51 -0.22
C GLN B 75 -3.19 -3.63 0.71
N LEU B 76 -3.31 -4.85 0.17
CA LEU B 76 -3.67 -5.98 1.01
C LEU B 76 -2.55 -6.31 1.99
N LEU B 77 -1.33 -6.41 1.49
CA LEU B 77 -0.25 -7.05 2.26
C LEU B 77 0.80 -6.09 2.85
N GLY B 78 0.99 -4.94 2.22
CA GLY B 78 1.92 -3.93 2.76
C GLY B 78 3.32 -4.42 2.46
N ASP B 79 4.27 -4.04 3.32
CA ASP B 79 5.64 -4.54 3.22
C ASP B 79 5.91 -5.77 4.08
N GLY B 80 4.87 -6.37 4.67
CA GLY B 80 5.05 -7.61 5.38
C GLY B 80 5.49 -7.47 6.83
N SER B 81 5.94 -6.27 7.19
CA SER B 81 6.57 -6.04 8.48
C SER B 81 5.66 -6.27 9.67
N ASN B 82 4.35 -6.09 9.50
CA ASN B 82 3.40 -6.47 10.56
C ASN B 82 3.38 -7.96 10.88
N TRP B 83 3.88 -8.76 9.96
CA TRP B 83 3.81 -10.22 10.07
C TRP B 83 5.18 -10.77 10.16
N GLY B 84 6.20 -9.91 10.39
CA GLY B 84 7.58 -10.39 10.49
C GLY B 84 8.21 -10.75 9.16
N LEU B 85 7.62 -10.26 8.08
CA LEU B 85 8.13 -10.54 6.73
C LEU B 85 8.64 -9.27 6.04
N ASP B 86 9.38 -9.45 4.96
CA ASP B 86 9.80 -8.36 4.12
C ASP B 86 9.34 -8.64 2.70
N LEU B 87 8.20 -8.05 2.33
CA LEU B 87 7.59 -8.28 1.03
C LEU B 87 7.98 -7.16 0.11
N GLN B 88 8.46 -7.52 -1.08
CA GLN B 88 8.79 -6.59 -2.15
C GLN B 88 7.91 -6.88 -3.36
N TYR B 89 7.83 -5.94 -4.29
CA TYR B 89 6.96 -6.06 -5.42
C TYR B 89 7.66 -5.72 -6.70
N ALA B 90 7.32 -6.43 -7.77
CA ALA B 90 7.86 -6.19 -9.09
C ALA B 90 6.72 -6.38 -10.04
N VAL B 91 6.66 -5.57 -11.11
CA VAL B 91 5.56 -5.70 -12.07
C VAL B 91 5.93 -6.67 -13.18
N GLN B 92 4.93 -7.30 -13.76
CA GLN B 92 5.15 -8.10 -14.95
C GLN B 92 4.27 -7.47 -16.04
N PRO B 93 4.87 -6.74 -16.99
CA PRO B 93 4.14 -6.06 -18.06
C PRO B 93 3.35 -6.98 -18.99
N SER B 94 3.91 -8.14 -19.31
CA SER B 94 3.30 -9.07 -20.27
C SER B 94 3.44 -10.49 -19.71
N PRO B 95 2.43 -11.36 -19.93
CA PRO B 95 2.53 -12.74 -19.41
C PRO B 95 3.41 -13.67 -20.28
N ASP B 96 4.72 -13.54 -20.17
CA ASP B 96 5.64 -14.21 -21.11
C ASP B 96 6.24 -15.51 -20.58
N GLY B 97 5.52 -16.19 -19.68
CA GLY B 97 5.94 -17.49 -19.17
C GLY B 97 6.35 -17.38 -17.71
N LEU B 98 6.11 -18.45 -16.94
CA LEU B 98 6.38 -18.45 -15.51
C LEU B 98 7.87 -18.26 -15.24
N ALA B 99 8.72 -18.68 -16.18
CA ALA B 99 10.16 -18.65 -15.95
C ALA B 99 10.71 -17.23 -16.05
N GLN B 100 9.89 -16.29 -16.54
CA GLN B 100 10.25 -14.89 -16.58
C GLN B 100 10.48 -14.38 -15.17
N ALA B 101 9.81 -15.03 -14.20
CA ALA B 101 9.94 -14.72 -12.79
C ALA B 101 11.40 -14.55 -12.32
N PHE B 102 12.33 -15.31 -12.90
CA PHE B 102 13.76 -15.26 -12.53
C PHE B 102 14.50 -14.08 -13.19
N LEU B 103 14.08 -13.66 -14.38
CA LEU B 103 14.61 -12.45 -15.00
C LEU B 103 14.06 -11.19 -14.33
N ILE B 104 12.74 -11.09 -14.17
CA ILE B 104 12.11 -10.00 -13.40
C ILE B 104 12.72 -9.96 -12.01
N GLY B 105 12.95 -11.12 -11.41
CA GLY B 105 13.39 -11.20 -10.02
C GLY B 105 14.89 -11.34 -9.82
N GLU B 106 15.66 -11.17 -10.88
CA GLU B 106 17.13 -11.31 -10.84
C GLU B 106 17.79 -10.51 -9.73
N SER B 107 17.44 -9.24 -9.55
CA SER B 107 18.18 -8.45 -8.53
C SER B 107 17.70 -8.75 -7.12
N PHE B 108 16.42 -9.03 -6.98
CA PHE B 108 15.88 -9.51 -5.71
C PHE B 108 16.57 -10.81 -5.26
N ILE B 109 16.68 -11.77 -6.14
CA ILE B 109 17.34 -13.04 -5.81
C ILE B 109 18.81 -12.81 -5.46
N GLY B 110 19.55 -12.15 -6.36
CA GLY B 110 20.95 -11.85 -6.14
C GLY B 110 21.74 -13.14 -6.16
N ASN B 111 22.53 -13.37 -5.12
CA ASN B 111 23.37 -14.54 -5.06
C ASN B 111 22.74 -15.60 -4.12
N ASP B 112 21.47 -15.40 -3.75
CA ASP B 112 20.84 -16.25 -2.73
C ASP B 112 20.15 -17.46 -3.33
N LEU B 113 19.66 -18.33 -2.47
CA LEU B 113 18.77 -19.40 -2.90
C LEU B 113 17.36 -18.82 -3.06
N SER B 114 16.52 -19.54 -3.80
CA SER B 114 15.16 -19.10 -4.01
C SER B 114 14.13 -20.24 -3.98
N ALA B 115 12.87 -19.81 -3.89
CA ALA B 115 11.70 -20.66 -4.03
C ALA B 115 10.60 -19.88 -4.75
N LEU B 116 9.97 -20.53 -5.72
CA LEU B 116 8.90 -19.97 -6.53
C LEU B 116 7.62 -20.72 -6.25
N VAL B 117 6.53 -19.99 -6.06
CA VAL B 117 5.23 -20.58 -5.84
C VAL B 117 4.21 -19.81 -6.65
N LEU B 118 3.33 -20.54 -7.35
CA LEU B 118 2.21 -19.93 -8.10
C LEU B 118 1.21 -19.32 -7.14
N GLY B 119 0.77 -18.11 -7.42
CA GLY B 119 -0.17 -17.42 -6.52
C GLY B 119 -1.57 -18.05 -6.40
N ASP B 120 -1.86 -19.00 -7.25
CA ASP B 120 -3.15 -19.65 -7.17
C ASP B 120 -3.05 -21.13 -6.76
N ASN B 121 -1.93 -21.59 -6.21
CA ASN B 121 -1.87 -22.95 -5.68
C ASN B 121 -2.18 -22.97 -4.19
N LEU B 122 -2.98 -23.96 -3.81
CA LEU B 122 -3.36 -24.22 -2.42
C LEU B 122 -2.87 -25.62 -2.04
N TYR B 123 -2.20 -25.70 -0.89
CA TYR B 123 -1.70 -26.96 -0.34
C TYR B 123 -2.21 -27.17 1.08
N TYR B 124 -2.57 -28.41 1.39
CA TYR B 124 -2.97 -28.77 2.74
C TYR B 124 -2.50 -30.20 3.10
N GLY B 125 -2.09 -30.40 4.35
CA GLY B 125 -1.84 -31.74 4.84
C GLY B 125 -0.87 -31.78 5.97
N HIS B 126 -0.67 -32.96 6.53
CA HIS B 126 0.07 -33.05 7.77
C HIS B 126 1.54 -33.17 7.49
N ASP B 127 2.35 -32.50 8.30
CA ASP B 127 3.81 -32.56 8.19
C ASP B 127 4.29 -31.82 6.92
N PHE B 128 3.47 -30.86 6.49
CA PHE B 128 3.82 -30.04 5.33
C PHE B 128 5.05 -29.18 5.62
N HIS B 129 5.15 -28.64 6.83
CA HIS B 129 6.40 -28.05 7.33
C HIS B 129 7.60 -28.94 7.13
N GLU B 130 7.45 -30.22 7.43
CA GLU B 130 8.54 -31.16 7.38
C GLU B 130 8.88 -31.52 5.92
N LEU B 131 7.85 -31.75 5.10
CA LEU B 131 8.01 -31.94 3.66
C LEU B 131 8.76 -30.77 2.98
N LEU B 132 8.46 -29.53 3.37
CA LEU B 132 9.10 -28.38 2.77
C LEU B 132 10.54 -28.24 3.29
N GLY B 133 10.76 -28.60 4.55
CA GLY B 133 12.05 -28.52 5.19
C GLY B 133 13.15 -29.22 4.39
N SER B 134 12.94 -30.48 4.06
CA SER B 134 13.93 -31.25 3.33
C SER B 134 14.32 -30.60 2.02
N ALA B 135 13.35 -30.09 1.28
CA ALA B 135 13.61 -29.26 0.09
C ALA B 135 14.30 -27.92 0.41
N SER B 136 13.89 -27.24 1.48
CA SER B 136 14.40 -25.90 1.77
C SER B 136 15.86 -25.97 2.21
N GLN B 137 16.24 -27.07 2.85
CA GLN B 137 17.54 -27.20 3.50
C GLN B 137 18.64 -27.66 2.55
N ARG B 138 18.29 -28.38 1.49
CA ARG B 138 19.23 -28.65 0.41
C ARG B 138 19.75 -27.33 -0.14
N GLN B 139 21.04 -27.09 0.04
CA GLN B 139 21.62 -25.82 -0.42
C GLN B 139 22.12 -25.93 -1.88
N THR B 140 21.86 -27.04 -2.58
CA THR B 140 22.35 -27.25 -3.95
C THR B 140 21.38 -27.96 -4.86
N GLY B 141 21.34 -27.53 -6.13
CA GLY B 141 20.39 -28.04 -7.10
C GLY B 141 18.98 -27.57 -6.77
N ALA B 142 18.00 -28.26 -7.37
CA ALA B 142 16.59 -27.85 -7.38
C ALA B 142 15.67 -28.89 -6.74
N SER B 143 14.53 -28.45 -6.19
CA SER B 143 13.54 -29.41 -5.65
C SER B 143 12.13 -29.10 -6.09
N VAL B 144 11.48 -30.13 -6.63
CA VAL B 144 10.09 -30.06 -6.98
C VAL B 144 9.27 -31.17 -6.30
N PHE B 145 7.95 -31.07 -6.44
CA PHE B 145 7.02 -31.98 -5.81
C PHE B 145 6.10 -32.55 -6.85
N ALA B 146 5.97 -33.88 -6.84
CA ALA B 146 5.10 -34.58 -7.78
C ALA B 146 3.87 -35.07 -7.07
N TYR B 147 2.72 -34.93 -7.69
CA TYR B 147 1.44 -35.23 -7.06
C TYR B 147 0.58 -35.92 -8.04
N HIS B 148 0.00 -37.06 -7.66
CA HIS B 148 -0.91 -37.83 -8.51
C HIS B 148 -2.19 -37.08 -8.75
N VAL B 149 -2.55 -36.90 -10.00
CA VAL B 149 -3.76 -36.17 -10.38
C VAL B 149 -4.50 -36.90 -11.49
N LEU B 150 -5.76 -36.56 -11.66
CA LEU B 150 -6.63 -37.16 -12.69
C LEU B 150 -6.26 -36.68 -14.09
N ASP B 151 -5.77 -35.44 -14.17
CA ASP B 151 -5.61 -34.73 -15.44
C ASP B 151 -4.21 -34.23 -15.61
N PRO B 152 -3.23 -35.15 -15.71
CA PRO B 152 -1.83 -34.72 -15.80
C PRO B 152 -1.52 -33.88 -17.02
N GLU B 153 -2.31 -34.02 -18.08
CA GLU B 153 -2.13 -33.25 -19.29
C GLU B 153 -2.20 -31.74 -19.08
N ARG B 154 -2.73 -31.28 -17.94
CA ARG B 154 -2.78 -29.84 -17.64
C ARG B 154 -1.50 -29.28 -17.09
N TYR B 155 -0.53 -30.13 -16.74
CA TYR B 155 0.62 -29.71 -15.98
C TYR B 155 1.93 -30.20 -16.56
N GLY B 156 3.03 -29.79 -15.93
CA GLY B 156 4.29 -30.44 -16.14
C GLY B 156 4.19 -31.85 -15.55
N VAL B 157 4.62 -32.86 -16.30
CA VAL B 157 4.41 -34.26 -15.92
C VAL B 157 5.78 -34.86 -15.76
N VAL B 158 5.97 -35.61 -14.70
CA VAL B 158 7.25 -36.20 -14.43
C VAL B 158 7.08 -37.71 -14.60
N GLU B 159 8.09 -38.34 -15.20
CA GLU B 159 8.09 -39.75 -15.44
C GLU B 159 9.20 -40.40 -14.58
N PHE B 160 8.89 -41.51 -13.94
CA PHE B 160 9.85 -42.22 -13.13
C PHE B 160 10.20 -43.53 -13.79
N ASP B 161 11.39 -44.05 -13.51
CA ASP B 161 11.78 -45.40 -13.94
C ASP B 161 11.34 -46.39 -12.86
N GLN B 162 11.64 -47.67 -13.03
CA GLN B 162 11.16 -48.70 -12.09
C GLN B 162 11.76 -48.55 -10.70
N GLY B 163 12.89 -47.87 -10.61
CA GLY B 163 13.51 -47.60 -9.30
C GLY B 163 13.02 -46.30 -8.66
N GLY B 164 12.04 -45.65 -9.27
CA GLY B 164 11.44 -44.43 -8.73
C GLY B 164 12.27 -43.19 -8.98
N LYS B 165 13.18 -43.26 -9.95
CA LYS B 165 14.06 -42.14 -10.35
C LYS B 165 13.40 -41.37 -11.50
N ALA B 166 13.47 -40.04 -11.45
CA ALA B 166 12.86 -39.21 -12.49
C ALA B 166 13.72 -39.25 -13.73
N ILE B 167 13.13 -39.51 -14.89
CA ILE B 167 13.88 -39.65 -16.16
C ILE B 167 13.46 -38.69 -17.26
N SER B 168 12.25 -38.12 -17.16
CA SER B 168 11.81 -37.08 -18.07
C SER B 168 10.76 -36.16 -17.47
N LEU B 169 10.68 -34.95 -18.03
CA LEU B 169 9.71 -33.96 -17.67
C LEU B 169 9.10 -33.48 -18.96
N GLU B 170 7.79 -33.23 -18.98
CA GLU B 170 7.11 -32.73 -20.18
C GLU B 170 6.08 -31.71 -19.78
N GLU B 171 5.97 -30.61 -20.54
CA GLU B 171 5.02 -29.56 -20.23
C GLU B 171 3.73 -29.81 -20.96
N LYS B 172 2.64 -30.02 -20.21
CA LYS B 172 1.33 -30.21 -20.79
C LYS B 172 1.28 -31.27 -21.89
N PRO B 173 1.80 -32.48 -21.63
CA PRO B 173 1.79 -33.46 -22.72
C PRO B 173 0.38 -33.94 -23.03
N LEU B 174 0.06 -34.02 -24.31
CA LEU B 174 -1.19 -34.56 -24.74
C LEU B 174 -1.30 -36.03 -24.37
N GLU B 175 -0.17 -36.70 -24.22
CA GLU B 175 -0.14 -38.10 -23.85
C GLU B 175 0.84 -38.28 -22.68
N PRO B 176 0.36 -37.99 -21.46
CA PRO B 176 1.17 -38.08 -20.27
C PRO B 176 1.82 -39.44 -20.09
N LYS B 177 3.10 -39.46 -19.71
CA LYS B 177 3.83 -40.70 -19.40
C LYS B 177 3.50 -41.25 -18.02
N SER B 178 2.90 -40.42 -17.17
CA SER B 178 2.46 -40.81 -15.83
C SER B 178 1.32 -39.90 -15.38
N ASN B 179 0.81 -40.17 -14.19
CA ASN B 179 -0.20 -39.33 -13.58
C ASN B 179 0.38 -38.35 -12.56
N TYR B 180 1.72 -38.27 -12.52
CA TYR B 180 2.43 -37.41 -11.61
C TYR B 180 2.70 -36.00 -12.16
N ALA B 181 1.91 -35.02 -11.70
CA ALA B 181 2.13 -33.62 -12.13
C ALA B 181 3.11 -32.96 -11.20
N VAL B 182 3.83 -31.99 -11.75
CA VAL B 182 4.68 -31.18 -10.90
C VAL B 182 3.83 -30.04 -10.33
N THR B 183 3.80 -29.92 -9.01
CA THR B 183 3.04 -28.85 -8.38
C THR B 183 3.77 -27.51 -8.60
N GLY B 184 3.08 -26.41 -8.30
CA GLY B 184 3.59 -25.05 -8.54
C GLY B 184 4.31 -24.46 -7.35
N LEU B 185 5.16 -25.29 -6.74
CA LEU B 185 6.07 -24.91 -5.68
C LEU B 185 7.44 -25.50 -5.99
N TYR B 186 8.42 -24.64 -6.15
CA TYR B 186 9.74 -24.99 -6.67
C TYR B 186 10.83 -24.38 -5.79
N PHE B 187 11.88 -25.16 -5.52
CA PHE B 187 13.04 -24.77 -4.73
C PHE B 187 14.29 -24.80 -5.63
N TYR B 188 15.13 -23.76 -5.56
CA TYR B 188 16.23 -23.58 -6.52
C TYR B 188 17.48 -23.06 -5.83
N ASP B 189 18.64 -23.40 -6.41
CA ASP B 189 19.90 -22.90 -5.89
C ASP B 189 20.31 -21.69 -6.71
N GLN B 190 21.57 -21.26 -6.59
CA GLN B 190 22.04 -20.06 -7.29
C GLN B 190 22.16 -20.19 -8.78
N GLN B 191 21.92 -21.37 -9.34
CA GLN B 191 22.10 -21.57 -10.81
C GLN B 191 20.88 -21.13 -11.61
N VAL B 192 19.74 -20.88 -10.95
CA VAL B 192 18.48 -20.75 -11.68
C VAL B 192 18.37 -19.50 -12.56
N VAL B 193 18.95 -18.39 -12.12
CA VAL B 193 18.84 -17.18 -12.94
C VAL B 193 19.63 -17.43 -14.22
N ASP B 194 20.85 -17.94 -14.05
CA ASP B 194 21.71 -18.21 -15.19
C ASP B 194 21.07 -19.25 -16.13
N ILE B 195 20.48 -20.34 -15.61
CA ILE B 195 19.67 -21.25 -16.46
C ILE B 195 18.50 -20.53 -17.12
N ALA B 196 17.80 -19.69 -16.36
CA ALA B 196 16.67 -18.96 -16.91
C ALA B 196 17.09 -18.06 -18.10
N ARG B 197 18.26 -17.42 -17.99
CA ARG B 197 18.69 -16.49 -19.04
C ARG B 197 18.88 -17.14 -20.42
N ASP B 198 19.25 -18.41 -20.44
CA ASP B 198 19.44 -19.15 -21.70
C ASP B 198 18.14 -19.75 -22.30
N LEU B 199 17.04 -19.64 -21.58
CA LEU B 199 15.78 -20.23 -22.05
C LEU B 199 15.28 -19.51 -23.30
N LYS B 200 15.11 -20.29 -24.38
CA LYS B 200 14.54 -19.78 -25.62
C LYS B 200 13.03 -20.02 -25.54
N PRO B 201 12.21 -19.00 -25.88
CA PRO B 201 10.75 -19.18 -25.86
C PRO B 201 10.27 -20.47 -26.53
N SER B 202 9.17 -21.01 -26.01
CA SER B 202 8.54 -22.21 -26.57
C SER B 202 7.61 -21.82 -27.74
N GLU B 206 6.42 -18.47 -24.70
CA GLU B 206 6.57 -18.47 -23.25
C GLU B 206 7.89 -19.12 -22.74
N LEU B 207 8.50 -18.48 -21.73
CA LEU B 207 9.63 -19.06 -21.00
C LEU B 207 9.05 -20.07 -20.01
N GLU B 208 9.30 -21.34 -20.25
CA GLU B 208 8.61 -22.41 -19.51
C GLU B 208 9.40 -22.85 -18.27
N ILE B 209 8.74 -22.92 -17.11
CA ILE B 209 9.41 -23.45 -15.92
C ILE B 209 9.90 -24.90 -16.08
N THR B 210 9.24 -25.69 -16.92
CA THR B 210 9.65 -27.08 -17.12
C THR B 210 11.02 -27.20 -17.81
N ASP B 211 11.36 -26.19 -18.61
CA ASP B 211 12.66 -26.10 -19.27
C ASP B 211 13.75 -25.83 -18.23
N VAL B 212 13.45 -24.97 -17.25
CA VAL B 212 14.37 -24.78 -16.12
C VAL B 212 14.53 -26.09 -15.37
N ASN B 213 13.41 -26.76 -15.09
CA ASN B 213 13.47 -27.97 -14.28
C ASN B 213 14.18 -29.10 -15.03
N ARG B 214 14.03 -29.13 -16.35
CA ARG B 214 14.74 -30.11 -17.19
C ARG B 214 16.25 -29.89 -17.24
N ALA B 215 16.68 -28.62 -17.20
CA ALA B 215 18.11 -28.29 -17.05
C ALA B 215 18.71 -28.86 -15.78
N TYR B 216 18.03 -28.71 -14.65
CA TYR B 216 18.56 -29.31 -13.44
C TYR B 216 18.55 -30.84 -13.57
N LEU B 217 17.53 -31.39 -14.21
CA LEU B 217 17.43 -32.84 -14.36
C LEU B 217 18.61 -33.36 -15.22
N GLU B 218 18.92 -32.68 -16.33
CA GLU B 218 20.04 -33.08 -17.22
C GLU B 218 21.41 -33.01 -16.54
N ARG B 219 21.59 -32.07 -15.61
CA ARG B 219 22.81 -32.00 -14.78
C ARG B 219 22.79 -32.98 -13.62
N GLY B 220 21.73 -33.77 -13.46
CA GLY B 220 21.63 -34.66 -12.31
C GLY B 220 21.36 -33.95 -10.98
N GLN B 221 20.75 -32.76 -10.99
CA GLN B 221 20.59 -32.01 -9.72
C GLN B 221 19.15 -31.70 -9.35
N LEU B 222 18.23 -32.53 -9.80
CA LEU B 222 16.80 -32.34 -9.55
C LEU B 222 16.32 -33.38 -8.59
N SER B 223 15.89 -32.93 -7.44
CA SER B 223 15.25 -33.77 -6.47
C SER B 223 13.73 -33.68 -6.72
N VAL B 224 13.11 -34.84 -6.95
CA VAL B 224 11.68 -34.91 -7.20
C VAL B 224 11.09 -35.73 -6.07
N GLU B 225 10.49 -35.04 -5.11
CA GLU B 225 9.90 -35.68 -3.97
C GLU B 225 8.41 -35.85 -4.20
N ILE B 226 7.88 -36.97 -3.74
CA ILE B 226 6.46 -37.23 -3.90
C ILE B 226 5.69 -36.47 -2.81
N MET B 227 4.62 -35.79 -3.23
CA MET B 227 3.65 -35.23 -2.32
C MET B 227 2.53 -36.26 -2.32
N GLY B 228 2.34 -36.92 -1.19
CA GLY B 228 1.48 -38.12 -1.14
C GLY B 228 0.01 -37.83 -1.27
N ARG B 229 -0.80 -38.87 -1.44
CA ARG B 229 -2.25 -38.73 -1.59
C ARG B 229 -2.94 -38.16 -0.34
N GLY B 230 -2.29 -38.28 0.80
CA GLY B 230 -2.84 -37.63 2.03
C GLY B 230 -2.70 -36.11 2.09
N TYR B 231 -2.06 -35.51 1.09
CA TYR B 231 -2.03 -34.08 0.92
C TYR B 231 -3.07 -33.67 -0.10
N ALA B 232 -3.56 -32.44 0.05
CA ALA B 232 -4.48 -31.85 -0.88
C ALA B 232 -3.75 -30.74 -1.62
N TRP B 233 -3.53 -30.93 -2.90
CA TRP B 233 -3.10 -29.84 -3.77
C TRP B 233 -4.25 -29.45 -4.66
N LEU B 234 -4.80 -28.28 -4.43
CA LEU B 234 -5.89 -27.76 -5.25
C LEU B 234 -5.40 -26.55 -6.07
N ASP B 235 -6.02 -26.34 -7.22
CA ASP B 235 -5.81 -25.06 -7.85
C ASP B 235 -7.11 -24.42 -8.22
N THR B 236 -7.01 -23.12 -8.36
CA THR B 236 -8.12 -22.27 -8.24
C THR B 236 -8.22 -21.53 -9.57
N GLY B 237 -8.24 -22.30 -10.66
CA GLY B 237 -8.14 -21.78 -12.03
C GLY B 237 -9.39 -21.88 -12.93
N THR B 238 -10.37 -22.67 -12.55
CA THR B 238 -11.71 -22.47 -13.04
C THR B 238 -12.65 -21.96 -11.94
N HIS B 239 -13.82 -21.45 -12.34
CA HIS B 239 -14.85 -21.07 -11.41
C HIS B 239 -15.28 -22.23 -10.54
N ASP B 240 -15.42 -23.40 -11.15
CA ASP B 240 -15.86 -24.58 -10.44
C ASP B 240 -14.83 -25.03 -9.42
N SER B 241 -13.55 -24.97 -9.80
CA SER B 241 -12.48 -25.40 -8.91
C SER B 241 -12.29 -24.40 -7.76
N LEU B 242 -12.46 -23.10 -8.02
CA LEU B 242 -12.38 -22.10 -6.95
C LEU B 242 -13.43 -22.37 -5.89
N LEU B 243 -14.62 -22.70 -6.34
CA LEU B 243 -15.73 -23.04 -5.48
C LEU B 243 -15.46 -24.32 -4.70
N GLU B 244 -14.92 -25.34 -5.37
CA GLU B 244 -14.48 -26.54 -4.67
C GLU B 244 -13.44 -26.24 -3.58
N ALA B 245 -12.45 -25.42 -3.91
CA ALA B 245 -11.43 -25.04 -2.95
C ALA B 245 -12.04 -24.38 -1.70
N GLY B 246 -13.04 -23.51 -1.89
CA GLY B 246 -13.75 -22.84 -0.77
C GLY B 246 -14.52 -23.83 0.12
N GLN B 247 -15.29 -24.70 -0.50
CA GLN B 247 -16.01 -25.75 0.21
CA GLN B 247 -16.04 -25.72 0.24
C GLN B 247 -15.06 -26.59 1.06
N PHE B 248 -13.91 -26.88 0.48
CA PHE B 248 -12.93 -27.75 1.10
C PHE B 248 -12.34 -27.08 2.34
N ILE B 249 -11.96 -25.80 2.22
CA ILE B 249 -11.40 -25.04 3.32
C ILE B 249 -12.46 -24.76 4.39
N ALA B 250 -13.68 -24.46 3.98
CA ALA B 250 -14.73 -24.20 4.97
C ALA B 250 -15.01 -25.44 5.81
N THR B 251 -14.95 -26.61 5.16
CA THR B 251 -15.20 -27.87 5.87
C THR B 251 -14.15 -28.17 6.94
N LEU B 252 -12.87 -27.99 6.60
CA LEU B 252 -11.77 -28.15 7.57
C LEU B 252 -11.92 -27.14 8.68
N GLU B 253 -12.15 -25.86 8.32
CA GLU B 253 -12.10 -24.80 9.33
C GLU B 253 -13.27 -24.91 10.33
N ASN B 254 -14.47 -25.11 9.79
CA ASN B 254 -15.62 -25.35 10.64
C ASN B 254 -15.61 -26.65 11.44
N ARG B 255 -14.85 -27.64 11.00
CA ARG B 255 -14.68 -28.86 11.77
C ARG B 255 -13.71 -28.66 12.95
N GLN B 256 -12.60 -28.01 12.70
CA GLN B 256 -11.51 -27.91 13.63
C GLN B 256 -11.56 -26.71 14.56
N GLY B 257 -12.23 -25.64 14.12
CA GLY B 257 -12.07 -24.33 14.74
C GLY B 257 -10.66 -23.78 14.60
N LEU B 258 -9.96 -24.20 13.54
CA LEU B 258 -8.62 -23.70 13.21
C LEU B 258 -8.67 -23.25 11.76
N LYS B 259 -7.84 -22.29 11.39
CA LYS B 259 -7.86 -21.77 10.04
C LYS B 259 -6.66 -22.32 9.26
N VAL B 260 -6.85 -22.57 7.97
CA VAL B 260 -5.76 -22.92 7.02
C VAL B 260 -5.19 -21.60 6.44
N ALA B 261 -3.89 -21.40 6.57
CA ALA B 261 -3.18 -20.36 5.85
C ALA B 261 -3.52 -18.99 6.39
N CYS B 262 -3.37 -18.86 7.69
CA CYS B 262 -3.59 -17.63 8.39
C CYS B 262 -2.19 -17.15 8.67
N PRO B 263 -1.69 -16.19 7.88
CA PRO B 263 -0.31 -15.72 8.03
C PRO B 263 0.00 -15.19 9.44
N GLU B 264 -0.94 -14.55 10.10
CA GLU B 264 -0.66 -14.02 11.40
C GLU B 264 -0.35 -15.12 12.39
N GLU B 265 -1.13 -16.22 12.35
CA GLU B 265 -0.89 -17.40 13.17
C GLU B 265 0.43 -17.97 12.85
N ILE B 266 0.71 -18.16 11.55
CA ILE B 266 1.98 -18.76 11.15
C ILE B 266 3.20 -17.96 11.62
N ALA B 267 3.17 -16.62 11.52
CA ALA B 267 4.29 -15.81 11.95
C ALA B 267 4.40 -15.82 13.50
N TYR B 268 3.26 -15.87 14.19
CA TYR B 268 3.27 -16.04 15.65
C TYR B 268 3.97 -17.34 16.04
N ARG B 269 3.65 -18.46 15.38
CA ARG B 269 4.24 -19.77 15.78
C ARG B 269 5.69 -19.90 15.39
N GLN B 270 6.05 -19.27 14.27
CA GLN B 270 7.42 -19.19 13.86
C GLN B 270 8.25 -18.32 14.77
N LYS B 271 7.61 -17.56 15.66
CA LYS B 271 8.30 -16.58 16.52
C LYS B 271 8.83 -15.37 15.72
N TRP B 272 8.13 -15.04 14.63
CA TRP B 272 8.49 -13.87 13.81
C TRP B 272 7.82 -12.65 14.32
N ILE B 273 6.68 -12.84 14.96
CA ILE B 273 6.06 -11.80 15.73
C ILE B 273 5.75 -12.36 17.11
N ASP B 274 5.54 -11.49 18.10
CA ASP B 274 5.24 -11.93 19.46
C ASP B 274 3.77 -11.74 19.86
N ALA B 275 3.43 -12.11 21.09
CA ALA B 275 2.04 -12.08 21.49
C ALA B 275 1.47 -10.66 21.38
N ALA B 276 2.28 -9.67 21.72
CA ALA B 276 1.79 -8.29 21.78
C ALA B 276 1.47 -7.81 20.40
N GLN B 277 2.32 -8.19 19.43
CA GLN B 277 2.11 -7.81 18.02
C GLN B 277 0.89 -8.54 17.45
N LEU B 278 0.76 -9.83 17.74
CA LEU B 278 -0.47 -10.57 17.39
C LEU B 278 -1.71 -9.89 17.94
N GLU B 279 -1.64 -9.45 19.19
CA GLU B 279 -2.74 -8.73 19.82
C GLU B 279 -3.08 -7.42 19.08
N LYS B 280 -2.08 -6.63 18.69
CA LYS B 280 -2.30 -5.44 17.87
C LYS B 280 -2.99 -5.74 16.54
N LEU B 281 -2.65 -6.90 15.95
CA LEU B 281 -3.23 -7.27 14.64
C LEU B 281 -4.65 -7.79 14.82
N ALA B 282 -4.95 -8.33 15.99
CA ALA B 282 -6.32 -8.76 16.28
C ALA B 282 -7.27 -7.56 16.46
N ALA B 283 -6.78 -6.49 17.07
CA ALA B 283 -7.60 -5.30 17.37
C ALA B 283 -8.56 -4.87 16.26
N PRO B 284 -8.03 -4.30 15.16
CA PRO B 284 -8.92 -3.81 14.10
C PRO B 284 -9.89 -4.89 13.56
N LEU B 285 -9.51 -6.16 13.68
CA LEU B 285 -10.35 -7.24 13.22
C LEU B 285 -11.23 -7.86 14.32
N ALA B 286 -11.27 -7.22 15.49
CA ALA B 286 -11.92 -7.77 16.70
C ALA B 286 -13.40 -8.14 16.56
N LYS B 287 -14.16 -7.38 15.78
CA LYS B 287 -15.62 -7.63 15.69
C LYS B 287 -16.01 -8.69 14.67
N ASN B 288 -15.04 -9.22 13.91
CA ASN B 288 -15.27 -10.39 13.05
C ASN B 288 -14.55 -11.64 13.55
N GLY B 289 -14.95 -12.79 13.01
CA GLY B 289 -14.46 -14.07 13.48
C GLY B 289 -12.98 -14.30 13.29
N TYR B 290 -12.37 -13.58 12.34
CA TYR B 290 -10.92 -13.69 12.05
C TYR B 290 -10.11 -13.05 13.18
N GLY B 291 -10.46 -11.83 13.54
CA GLY B 291 -9.88 -11.19 14.71
C GLY B 291 -10.14 -11.97 15.97
N GLN B 292 -11.35 -12.50 16.15
CA GLN B 292 -11.66 -13.29 17.37
C GLN B 292 -10.72 -14.51 17.43
N TYR B 293 -10.43 -15.07 16.28
CA TYR B 293 -9.58 -16.23 16.18
C TYR B 293 -8.12 -15.91 16.52
N LEU B 294 -7.62 -14.78 16.02
CA LEU B 294 -6.29 -14.30 16.40
C LEU B 294 -6.22 -14.05 17.89
N LYS B 295 -7.25 -13.44 18.46
CA LYS B 295 -7.27 -13.24 19.92
C LYS B 295 -7.25 -14.59 20.63
N ARG B 296 -8.06 -15.56 20.20
CA ARG B 296 -8.04 -16.90 20.83
C ARG B 296 -6.67 -17.55 20.85
N LEU B 297 -5.85 -17.31 19.83
CA LEU B 297 -4.52 -17.94 19.72
C LEU B 297 -3.59 -17.55 20.83
N LEU B 298 -3.75 -16.35 21.36
CA LEU B 298 -2.88 -15.84 22.43
C LEU B 298 -3.00 -16.63 23.72
N THR B 299 -4.10 -17.36 23.91
CA THR B 299 -4.33 -18.11 25.15
C THR B 299 -4.65 -19.61 25.02
N GLU B 300 -4.62 -20.15 23.80
CA GLU B 300 -4.85 -21.58 23.59
C GLU B 300 -3.55 -22.24 23.19
N THR B 301 -3.28 -23.43 23.71
CA THR B 301 -2.21 -24.25 23.18
C THR B 301 -2.77 -25.15 22.08
N VAL B 302 -2.24 -24.99 20.88
CA VAL B 302 -2.62 -25.79 19.74
C VAL B 302 -1.43 -26.66 19.34
N TYR B 303 -1.61 -27.97 19.33
CA TYR B 303 -0.53 -28.92 19.12
C TYR B 303 -0.33 -29.23 17.64
N ARG C 13 -40.18 4.49 -13.47
CA ARG C 13 -39.58 4.08 -12.17
C ARG C 13 -38.06 4.02 -12.22
N LYS C 14 -37.43 4.61 -11.23
CA LYS C 14 -35.98 4.61 -11.15
C LYS C 14 -35.54 3.58 -10.11
N GLY C 15 -34.38 2.99 -10.31
CA GLY C 15 -33.86 1.99 -9.38
C GLY C 15 -32.62 2.44 -8.63
N ILE C 16 -32.51 1.96 -7.39
CA ILE C 16 -31.36 2.24 -6.57
C ILE C 16 -30.83 0.88 -6.15
N ILE C 17 -29.52 0.69 -6.26
CA ILE C 17 -28.86 -0.45 -5.66
C ILE C 17 -28.04 0.05 -4.50
N LEU C 18 -28.33 -0.43 -3.29
CA LEU C 18 -27.51 -0.06 -2.13
C LEU C 18 -26.43 -1.13 -1.91
N ALA C 19 -25.18 -0.77 -2.18
CA ALA C 19 -24.04 -1.65 -2.09
C ALA C 19 -23.20 -1.20 -0.90
N GLY C 20 -23.78 -1.24 0.29
CA GLY C 20 -23.20 -0.58 1.44
C GLY C 20 -22.04 -1.31 2.05
N GLY C 21 -21.40 -0.65 3.02
CA GLY C 21 -20.20 -1.14 3.69
C GLY C 21 -20.52 -2.29 4.60
N SER C 22 -19.67 -3.32 4.58
CA SER C 22 -19.81 -4.50 5.47
C SER C 22 -18.77 -4.41 6.57
N GLY C 23 -18.15 -3.25 6.67
CA GLY C 23 -17.21 -2.98 7.73
C GLY C 23 -16.04 -3.94 7.66
N THR C 24 -15.84 -4.67 8.74
CA THR C 24 -14.79 -5.65 8.83
C THR C 24 -15.38 -7.06 8.91
N ARG C 25 -16.68 -7.19 8.71
CA ARG C 25 -17.32 -8.50 8.92
C ARG C 25 -16.67 -9.62 8.08
N LEU C 26 -16.26 -9.27 6.86
CA LEU C 26 -15.79 -10.25 5.90
C LEU C 26 -14.28 -10.14 5.68
N HIS C 27 -13.62 -9.37 6.53
CA HIS C 27 -12.17 -9.27 6.46
C HIS C 27 -11.61 -10.62 6.78
N PRO C 28 -10.49 -10.99 6.16
CA PRO C 28 -9.71 -10.15 5.22
C PRO C 28 -10.08 -10.34 3.75
N ALA C 29 -11.00 -11.25 3.42
CA ALA C 29 -11.52 -11.36 2.05
C ALA C 29 -11.83 -9.98 1.44
N THR C 30 -12.52 -9.12 2.19
CA THR C 30 -12.85 -7.78 1.72
C THR C 30 -11.89 -6.66 2.11
N LEU C 31 -10.67 -6.99 2.53
CA LEU C 31 -9.58 -5.99 2.54
C LEU C 31 -9.17 -5.71 1.09
N ALA C 32 -9.02 -6.78 0.31
CA ALA C 32 -8.65 -6.68 -1.11
C ALA C 32 -9.75 -6.10 -2.02
N ILE C 33 -10.96 -6.64 -1.87
CA ILE C 33 -12.09 -6.40 -2.76
C ILE C 33 -13.30 -5.90 -1.98
N SER C 34 -14.02 -4.93 -2.53
CA SER C 34 -15.35 -4.59 -2.03
C SER C 34 -16.28 -5.80 -2.03
N LYS C 35 -17.16 -5.90 -1.04
CA LYS C 35 -18.01 -7.07 -0.88
C LYS C 35 -18.83 -7.40 -2.14
N GLN C 36 -19.41 -6.38 -2.77
CA GLN C 36 -20.36 -6.63 -3.85
C GLN C 36 -19.65 -6.75 -5.18
N LEU C 37 -18.33 -6.77 -5.11
CA LEU C 37 -17.50 -7.16 -6.25
C LEU C 37 -16.99 -8.59 -6.13
N LEU C 38 -17.22 -9.27 -5.02
CA LEU C 38 -16.86 -10.68 -4.92
C LEU C 38 -17.75 -11.52 -5.84
N PRO C 39 -17.19 -12.55 -6.49
CA PRO C 39 -18.04 -13.27 -7.43
C PRO C 39 -18.96 -14.21 -6.70
N VAL C 40 -20.18 -14.36 -7.21
CA VAL C 40 -21.06 -15.47 -6.83
C VAL C 40 -20.97 -16.41 -8.02
N TYR C 41 -20.20 -17.47 -7.85
CA TYR C 41 -19.78 -18.38 -8.92
C TYR C 41 -18.99 -17.63 -9.98
N ASP C 42 -19.63 -17.19 -11.06
CA ASP C 42 -18.95 -16.81 -12.28
C ASP C 42 -19.06 -15.31 -12.62
N LYS C 43 -19.66 -14.53 -11.73
CA LYS C 43 -19.88 -13.12 -12.01
C LYS C 43 -19.94 -12.34 -10.72
N PRO C 44 -19.60 -11.04 -10.75
CA PRO C 44 -19.61 -10.24 -9.54
C PRO C 44 -20.98 -10.16 -8.87
N MET C 45 -20.99 -10.17 -7.55
CA MET C 45 -22.24 -10.15 -6.78
C MET C 45 -23.22 -9.09 -7.28
N ILE C 46 -22.74 -7.87 -7.55
CA ILE C 46 -23.61 -6.78 -8.04
C ILE C 46 -24.43 -7.10 -9.30
N TYR C 47 -23.95 -7.96 -10.21
CA TYR C 47 -24.73 -8.33 -11.38
C TYR C 47 -26.12 -8.92 -11.02
N TYR C 48 -26.22 -9.54 -9.84
CA TYR C 48 -27.47 -10.18 -9.41
C TYR C 48 -28.61 -9.18 -9.05
N PRO C 49 -28.37 -8.20 -8.17
CA PRO C 49 -29.38 -7.13 -7.97
C PRO C 49 -29.59 -6.21 -9.20
N LEU C 50 -28.53 -5.94 -9.93
CA LEU C 50 -28.66 -5.20 -11.17
C LEU C 50 -29.65 -5.92 -12.10
N SER C 51 -29.43 -7.21 -12.29
CA SER C 51 -30.28 -8.07 -13.10
C SER C 51 -31.72 -8.07 -12.64
N THR C 52 -31.94 -8.10 -11.33
CA THR C 52 -33.27 -7.98 -10.76
C THR C 52 -33.98 -6.67 -11.19
N LEU C 53 -33.31 -5.53 -11.04
CA LEU C 53 -33.89 -4.26 -11.46
C LEU C 53 -34.15 -4.29 -12.95
N MET C 54 -33.20 -4.82 -13.73
CA MET C 54 -33.34 -4.87 -15.19
C MET C 54 -34.54 -5.69 -15.60
N LEU C 55 -34.84 -6.71 -14.81
CA LEU C 55 -35.96 -7.60 -15.08
C LEU C 55 -37.29 -6.94 -14.72
N ALA C 56 -37.30 -6.08 -13.71
CA ALA C 56 -38.44 -5.22 -13.44
C ALA C 56 -38.64 -4.08 -14.45
N GLY C 57 -37.80 -3.98 -15.47
CA GLY C 57 -37.96 -2.96 -16.51
C GLY C 57 -37.27 -1.62 -16.20
N ILE C 58 -36.42 -1.60 -15.19
CA ILE C 58 -35.79 -0.37 -14.72
C ILE C 58 -34.40 -0.24 -15.34
N ARG C 59 -34.17 0.87 -16.05
CA ARG C 59 -32.92 1.10 -16.79
C ARG C 59 -32.08 2.23 -16.17
N GLU C 60 -32.72 3.05 -15.35
CA GLU C 60 -32.11 4.19 -14.75
C GLU C 60 -31.88 3.87 -13.31
N ILE C 61 -30.61 3.66 -12.99
CA ILE C 61 -30.21 3.00 -11.77
C ILE C 61 -29.10 3.76 -11.08
N LEU C 62 -29.32 4.10 -9.80
CA LEU C 62 -28.33 4.73 -8.96
C LEU C 62 -27.65 3.69 -8.06
N ILE C 63 -26.32 3.59 -8.15
CA ILE C 63 -25.50 2.68 -7.34
C ILE C 63 -24.88 3.50 -6.21
N ILE C 64 -25.31 3.21 -4.99
CA ILE C 64 -24.81 3.83 -3.80
C ILE C 64 -23.89 2.87 -3.07
N SER C 65 -22.67 3.28 -2.82
CA SER C 65 -21.74 2.49 -2.01
C SER C 65 -20.85 3.41 -1.16
N THR C 66 -19.87 2.84 -0.48
CA THR C 66 -18.93 3.57 0.34
C THR C 66 -18.06 4.50 -0.51
N PRO C 67 -17.33 5.44 0.13
CA PRO C 67 -16.42 6.26 -0.66
C PRO C 67 -15.29 5.44 -1.29
N GLN C 68 -14.83 4.41 -0.61
CA GLN C 68 -13.80 3.54 -1.18
C GLN C 68 -14.33 2.72 -2.34
N ASP C 69 -15.53 2.15 -2.21
CA ASP C 69 -16.02 1.22 -3.22
C ASP C 69 -16.73 1.81 -4.39
N THR C 70 -17.41 2.94 -4.24
CA THR C 70 -18.16 3.49 -5.39
C THR C 70 -17.33 3.69 -6.66
N PRO C 71 -16.14 4.33 -6.54
CA PRO C 71 -15.31 4.48 -7.72
C PRO C 71 -15.05 3.15 -8.39
N ARG C 72 -14.91 2.08 -7.59
CA ARG C 72 -14.68 0.74 -8.14
C ARG C 72 -15.89 0.15 -8.87
N PHE C 73 -17.08 0.36 -8.35
CA PHE C 73 -18.26 0.01 -9.17
C PHE C 73 -18.28 0.82 -10.48
N GLN C 74 -17.87 2.09 -10.39
CA GLN C 74 -17.87 2.98 -11.55
C GLN C 74 -16.84 2.55 -12.58
N GLN C 75 -15.70 2.02 -12.12
CA GLN C 75 -14.65 1.57 -13.05
C GLN C 75 -15.04 0.25 -13.71
N LEU C 76 -15.74 -0.63 -12.98
CA LEU C 76 -16.30 -1.87 -13.54
C LEU C 76 -17.39 -1.60 -14.59
N LEU C 77 -18.42 -0.86 -14.17
CA LEU C 77 -19.71 -0.81 -14.88
C LEU C 77 -19.94 0.43 -15.75
N GLY C 78 -19.20 1.50 -15.47
CA GLY C 78 -19.33 2.76 -16.19
C GLY C 78 -20.72 3.36 -16.10
N ASP C 79 -21.20 3.90 -17.19
CA ASP C 79 -22.51 4.52 -17.21
C ASP C 79 -23.61 3.57 -17.70
N GLY C 80 -23.24 2.32 -17.99
CA GLY C 80 -24.23 1.33 -18.43
C GLY C 80 -24.61 1.37 -19.91
N SER C 81 -24.16 2.42 -20.62
CA SER C 81 -24.52 2.63 -22.03
C SER C 81 -24.26 1.40 -22.89
N ASN C 82 -23.20 0.68 -22.61
CA ASN C 82 -22.91 -0.56 -23.31
C ASN C 82 -23.99 -1.62 -23.17
N TRP C 83 -24.78 -1.58 -22.10
CA TRP C 83 -25.90 -2.50 -21.92
C TRP C 83 -27.25 -1.83 -22.01
N GLY C 84 -27.33 -0.63 -22.58
CA GLY C 84 -28.61 0.07 -22.70
C GLY C 84 -29.17 0.56 -21.38
N LEU C 85 -28.30 0.78 -20.40
CA LEU C 85 -28.73 1.29 -19.08
C LEU C 85 -28.35 2.76 -18.96
N ASP C 86 -28.86 3.38 -17.92
CA ASP C 86 -28.40 4.68 -17.53
C ASP C 86 -28.00 4.60 -16.06
N LEU C 87 -26.73 4.30 -15.81
CA LEU C 87 -26.18 4.16 -14.46
C LEU C 87 -25.57 5.49 -13.94
N GLN C 88 -25.97 5.89 -12.75
CA GLN C 88 -25.39 7.00 -12.01
C GLN C 88 -24.86 6.43 -10.66
N TYR C 89 -23.99 7.20 -10.00
CA TYR C 89 -23.32 6.78 -8.77
C TYR C 89 -23.38 7.81 -7.69
N ALA C 90 -23.44 7.35 -6.44
CA ALA C 90 -23.44 8.24 -5.31
C ALA C 90 -22.87 7.52 -4.05
N VAL C 91 -22.33 8.29 -3.12
CA VAL C 91 -21.61 7.73 -2.00
C VAL C 91 -22.45 7.80 -0.71
N GLN C 92 -22.40 6.76 0.11
CA GLN C 92 -22.89 6.82 1.49
C GLN C 92 -21.68 6.92 2.47
N PRO C 93 -21.42 8.12 3.03
CA PRO C 93 -20.23 8.33 3.84
C PRO C 93 -20.07 7.31 4.93
N SER C 94 -21.15 7.04 5.65
CA SER C 94 -21.13 6.17 6.82
C SER C 94 -22.29 5.14 6.82
N PRO C 95 -22.03 3.91 7.26
CA PRO C 95 -23.12 2.93 7.23
C PRO C 95 -24.19 3.24 8.29
N ASP C 96 -25.05 4.23 8.03
CA ASP C 96 -26.05 4.70 8.99
C ASP C 96 -27.47 4.37 8.53
N GLY C 97 -27.69 3.14 8.08
CA GLY C 97 -29.02 2.72 7.75
C GLY C 97 -29.29 2.73 6.26
N LEU C 98 -30.02 1.71 5.83
CA LEU C 98 -30.39 1.52 4.44
C LEU C 98 -31.30 2.67 3.93
N ALA C 99 -32.09 3.27 4.85
CA ALA C 99 -33.07 4.32 4.52
C ALA C 99 -32.44 5.62 4.10
N GLN C 100 -31.17 5.81 4.47
CA GLN C 100 -30.38 6.94 4.01
C GLN C 100 -30.22 6.95 2.49
N ALA C 101 -30.50 5.81 1.83
CA ALA C 101 -30.43 5.76 0.37
C ALA C 101 -31.37 6.76 -0.24
N PHE C 102 -32.49 7.05 0.43
CA PHE C 102 -33.49 7.96 -0.14
C PHE C 102 -33.10 9.43 0.03
N LEU C 103 -32.34 9.72 1.08
CA LEU C 103 -31.78 11.06 1.28
C LEU C 103 -30.64 11.27 0.29
N ILE C 104 -29.66 10.37 0.30
CA ILE C 104 -28.58 10.36 -0.69
C ILE C 104 -29.15 10.41 -2.09
N GLY C 105 -30.27 9.72 -2.32
CA GLY C 105 -30.82 9.59 -3.69
C GLY C 105 -31.95 10.54 -4.04
N GLU C 106 -32.29 11.44 -3.12
CA GLU C 106 -33.35 12.43 -3.35
C GLU C 106 -33.33 13.10 -4.73
N SER C 107 -32.20 13.66 -5.14
CA SER C 107 -32.19 14.37 -6.43
C SER C 107 -32.27 13.39 -7.62
N PHE C 108 -31.77 12.17 -7.45
CA PHE C 108 -31.89 11.13 -8.47
C PHE C 108 -33.34 10.71 -8.64
N ILE C 109 -34.00 10.48 -7.52
CA ILE C 109 -35.39 10.09 -7.54
C ILE C 109 -36.27 11.17 -8.18
N GLY C 110 -35.97 12.42 -7.89
CA GLY C 110 -36.78 13.54 -8.36
C GLY C 110 -38.20 13.36 -7.86
N ASN C 111 -39.14 13.36 -8.80
CA ASN C 111 -40.57 13.20 -8.50
C ASN C 111 -41.10 11.86 -9.07
N ASP C 112 -40.19 10.97 -9.48
CA ASP C 112 -40.54 9.65 -10.03
C ASP C 112 -40.74 8.59 -8.96
N LEU C 113 -41.31 7.47 -9.40
CA LEU C 113 -41.49 6.31 -8.54
C LEU C 113 -40.12 5.67 -8.43
N SER C 114 -39.87 4.84 -7.43
CA SER C 114 -38.57 4.18 -7.33
C SER C 114 -38.61 2.68 -6.97
N ALA C 115 -37.44 2.04 -7.08
CA ALA C 115 -37.22 0.70 -6.52
C ALA C 115 -35.82 0.60 -5.87
N LEU C 116 -35.80 0.17 -4.60
CA LEU C 116 -34.54 -0.15 -3.88
C LEU C 116 -34.30 -1.65 -3.79
N VAL C 117 -33.08 -2.06 -4.12
CA VAL C 117 -32.64 -3.44 -3.99
C VAL C 117 -31.29 -3.47 -3.24
N LEU C 118 -31.12 -4.39 -2.29
CA LEU C 118 -29.86 -4.50 -1.54
C LEU C 118 -28.79 -5.19 -2.41
N GLY C 119 -27.57 -4.68 -2.39
CA GLY C 119 -26.49 -5.14 -3.31
C GLY C 119 -26.05 -6.59 -3.19
N ASP C 120 -26.35 -7.22 -2.08
CA ASP C 120 -25.95 -8.59 -1.82
C ASP C 120 -27.16 -9.55 -1.73
N ASN C 121 -28.33 -9.14 -2.20
CA ASN C 121 -29.45 -10.07 -2.36
C ASN C 121 -29.52 -10.68 -3.77
N LEU C 122 -29.90 -11.96 -3.81
CA LEU C 122 -30.00 -12.76 -5.01
C LEU C 122 -31.40 -13.40 -5.09
N TYR C 123 -31.98 -13.43 -6.28
CA TYR C 123 -33.35 -13.93 -6.49
C TYR C 123 -33.31 -14.96 -7.59
N TYR C 124 -34.12 -16.02 -7.48
CA TYR C 124 -34.24 -16.97 -8.60
C TYR C 124 -35.62 -17.58 -8.61
N GLY C 125 -36.20 -17.73 -9.81
CA GLY C 125 -37.47 -18.46 -9.94
C GLY C 125 -38.36 -18.18 -11.13
N HIS C 126 -39.38 -18.99 -11.28
CA HIS C 126 -40.21 -18.90 -12.46
C HIS C 126 -41.19 -17.76 -12.38
N ASP C 127 -41.32 -17.02 -13.49
CA ASP C 127 -42.25 -15.90 -13.56
C ASP C 127 -41.91 -14.81 -12.52
N PHE C 128 -40.62 -14.59 -12.32
CA PHE C 128 -40.16 -13.53 -11.43
C PHE C 128 -40.42 -12.18 -12.09
N HIS C 129 -40.21 -12.12 -13.42
CA HIS C 129 -40.58 -10.97 -14.28
C HIS C 129 -41.98 -10.49 -14.01
N GLU C 130 -42.90 -11.43 -13.78
CA GLU C 130 -44.32 -11.12 -13.57
C GLU C 130 -44.58 -10.73 -12.13
N LEU C 131 -43.92 -11.39 -11.20
CA LEU C 131 -44.00 -10.97 -9.81
C LEU C 131 -43.46 -9.52 -9.63
N LEU C 132 -42.49 -9.12 -10.46
CA LEU C 132 -41.91 -7.78 -10.38
C LEU C 132 -42.84 -6.80 -11.12
N GLY C 133 -43.33 -7.21 -12.29
CA GLY C 133 -44.32 -6.44 -13.04
C GLY C 133 -45.52 -5.98 -12.21
N SER C 134 -46.11 -6.89 -11.46
CA SER C 134 -47.23 -6.51 -10.59
C SER C 134 -46.82 -5.38 -9.66
N ALA C 135 -45.71 -5.55 -8.95
CA ALA C 135 -45.25 -4.51 -8.03
C ALA C 135 -44.90 -3.20 -8.77
N SER C 136 -44.32 -3.35 -9.96
CA SER C 136 -43.84 -2.20 -10.72
C SER C 136 -45.02 -1.30 -11.17
N GLN C 137 -46.15 -1.95 -11.44
CA GLN C 137 -47.33 -1.31 -12.00
C GLN C 137 -48.09 -0.48 -10.94
N ARG C 138 -48.08 -0.92 -9.68
CA ARG C 138 -48.70 -0.15 -8.61
C ARG C 138 -48.04 1.23 -8.50
N GLN C 139 -48.79 2.27 -8.79
CA GLN C 139 -48.22 3.61 -8.85
C GLN C 139 -48.49 4.44 -7.61
N THR C 140 -49.05 3.80 -6.58
CA THR C 140 -49.35 4.47 -5.32
C THR C 140 -48.92 3.52 -4.21
N GLY C 141 -48.61 4.04 -3.04
CA GLY C 141 -48.13 3.21 -1.93
C GLY C 141 -46.79 2.54 -2.21
N ALA C 142 -46.51 1.47 -1.46
CA ALA C 142 -45.24 0.72 -1.49
C ALA C 142 -45.51 -0.78 -1.66
N SER C 143 -44.66 -1.45 -2.42
CA SER C 143 -44.66 -2.92 -2.47
C SER C 143 -43.38 -3.57 -1.98
N VAL C 144 -43.57 -4.59 -1.14
CA VAL C 144 -42.50 -5.47 -0.68
C VAL C 144 -42.93 -6.95 -0.68
N PHE C 145 -41.94 -7.84 -0.52
CA PHE C 145 -42.14 -9.28 -0.63
C PHE C 145 -41.75 -10.00 0.63
N ALA C 146 -42.57 -10.97 1.01
CA ALA C 146 -42.44 -11.72 2.25
C ALA C 146 -42.03 -13.15 1.91
N TYR C 147 -40.96 -13.65 2.51
CA TYR C 147 -40.44 -14.97 2.20
C TYR C 147 -40.27 -15.74 3.49
N HIS C 148 -40.81 -16.95 3.52
CA HIS C 148 -40.64 -17.83 4.67
C HIS C 148 -39.17 -18.23 4.85
N VAL C 149 -38.63 -18.01 6.06
CA VAL C 149 -37.24 -18.34 6.36
C VAL C 149 -37.13 -19.06 7.69
N LEU C 150 -36.00 -19.74 7.90
CA LEU C 150 -35.75 -20.48 9.14
C LEU C 150 -35.40 -19.55 10.30
N ASP C 151 -34.76 -18.42 10.02
CA ASP C 151 -34.17 -17.54 11.05
C ASP C 151 -34.69 -16.10 11.00
N PRO C 152 -36.02 -15.91 11.16
CA PRO C 152 -36.63 -14.60 10.95
C PRO C 152 -36.03 -13.46 11.77
N GLU C 153 -35.56 -13.77 12.99
CA GLU C 153 -34.77 -12.82 13.81
C GLU C 153 -33.72 -12.01 13.07
N ARG C 154 -33.24 -12.50 11.93
CA ARG C 154 -32.16 -11.80 11.23
C ARG C 154 -32.66 -10.69 10.34
N TYR C 155 -33.98 -10.58 10.19
CA TYR C 155 -34.59 -9.73 9.17
C TYR C 155 -35.73 -8.90 9.72
N GLY C 156 -36.26 -8.02 8.89
CA GLY C 156 -37.58 -7.43 9.13
C GLY C 156 -38.66 -8.48 8.98
N VAL C 157 -39.41 -8.71 10.05
CA VAL C 157 -40.43 -9.75 10.05
C VAL C 157 -41.79 -9.13 9.85
N VAL C 158 -42.59 -9.71 8.96
CA VAL C 158 -43.96 -9.28 8.75
C VAL C 158 -44.95 -10.26 9.35
N GLU C 159 -45.82 -9.74 10.22
CA GLU C 159 -46.90 -10.51 10.87
C GLU C 159 -48.19 -10.31 10.10
N PHE C 160 -48.93 -11.41 9.88
CA PHE C 160 -50.23 -11.40 9.19
C PHE C 160 -51.36 -11.77 10.15
N ASP C 161 -52.57 -11.29 9.89
CA ASP C 161 -53.71 -11.68 10.72
C ASP C 161 -54.33 -12.94 10.14
N GLN C 162 -55.35 -13.48 10.80
CA GLN C 162 -55.92 -14.77 10.39
C GLN C 162 -56.40 -14.76 8.92
N GLY C 163 -56.66 -13.58 8.38
CA GLY C 163 -57.14 -13.45 7.00
C GLY C 163 -56.04 -12.99 6.07
N GLY C 164 -54.79 -13.23 6.49
CA GLY C 164 -53.62 -12.93 5.66
C GLY C 164 -53.24 -11.48 5.41
N LYS C 165 -53.66 -10.54 6.26
CA LYS C 165 -53.27 -9.13 6.10
C LYS C 165 -52.10 -8.77 7.00
N ALA C 166 -51.16 -8.02 6.46
CA ALA C 166 -50.00 -7.58 7.23
C ALA C 166 -50.46 -6.57 8.28
N ILE C 167 -50.20 -6.91 9.54
CA ILE C 167 -50.60 -6.13 10.70
C ILE C 167 -49.42 -5.63 11.55
N SER C 168 -48.18 -6.00 11.25
CA SER C 168 -47.02 -5.44 11.96
C SER C 168 -45.71 -5.76 11.28
N LEU C 169 -44.71 -4.94 11.57
CA LEU C 169 -43.35 -5.06 11.05
C LEU C 169 -42.34 -4.75 12.14
N GLU C 170 -41.33 -5.61 12.28
CA GLU C 170 -40.33 -5.49 13.33
C GLU C 170 -38.97 -5.88 12.80
N GLU C 171 -37.99 -5.01 13.03
CA GLU C 171 -36.63 -5.21 12.54
C GLU C 171 -35.82 -6.05 13.52
N LYS C 172 -35.48 -7.27 13.12
CA LYS C 172 -34.66 -8.15 13.95
C LYS C 172 -35.29 -8.34 15.32
N PRO C 173 -36.49 -8.92 15.35
CA PRO C 173 -37.14 -9.07 16.63
C PRO C 173 -36.54 -10.24 17.38
N LEU C 174 -36.27 -10.05 18.68
CA LEU C 174 -35.89 -11.15 19.57
C LEU C 174 -36.96 -12.26 19.64
N GLU C 175 -38.23 -11.88 19.48
CA GLU C 175 -39.33 -12.84 19.45
C GLU C 175 -40.17 -12.64 18.18
N PRO C 176 -39.71 -13.20 17.05
CA PRO C 176 -40.45 -12.98 15.80
C PRO C 176 -41.89 -13.48 15.87
N LYS C 177 -42.82 -12.68 15.34
CA LYS C 177 -44.24 -12.99 15.35
C LYS C 177 -44.61 -13.96 14.24
N SER C 178 -43.74 -14.08 13.23
CA SER C 178 -43.91 -15.07 12.16
C SER C 178 -42.54 -15.43 11.59
N ASN C 179 -42.53 -16.41 10.69
CA ASN C 179 -41.31 -16.77 9.94
C ASN C 179 -41.24 -16.12 8.57
N TYR C 180 -42.03 -15.07 8.37
CA TYR C 180 -42.01 -14.31 7.11
C TYR C 180 -41.06 -13.10 7.16
N ALA C 181 -39.89 -13.22 6.52
CA ALA C 181 -38.94 -12.11 6.32
C ALA C 181 -39.30 -11.23 5.13
N VAL C 182 -39.05 -9.93 5.24
CA VAL C 182 -39.16 -9.02 4.12
C VAL C 182 -37.84 -9.00 3.37
N THR C 183 -37.91 -9.31 2.08
CA THR C 183 -36.73 -9.44 1.26
C THR C 183 -36.15 -8.06 0.94
N GLY C 184 -34.97 -8.02 0.34
CA GLY C 184 -34.25 -6.76 0.05
C GLY C 184 -34.58 -6.18 -1.31
N LEU C 185 -35.87 -6.18 -1.65
CA LEU C 185 -36.38 -5.54 -2.88
C LEU C 185 -37.63 -4.78 -2.49
N TYR C 186 -37.58 -3.46 -2.69
CA TYR C 186 -38.63 -2.55 -2.24
C TYR C 186 -39.08 -1.62 -3.37
N PHE C 187 -40.39 -1.55 -3.57
CA PHE C 187 -41.03 -0.68 -4.56
C PHE C 187 -41.75 0.48 -3.84
N TYR C 188 -41.59 1.70 -4.32
CA TYR C 188 -42.11 2.89 -3.61
C TYR C 188 -42.68 3.93 -4.54
N ASP C 189 -43.61 4.73 -4.01
CA ASP C 189 -44.18 5.87 -4.77
C ASP C 189 -43.41 7.13 -4.40
N GLN C 190 -44.00 8.29 -4.70
CA GLN C 190 -43.36 9.58 -4.54
C GLN C 190 -43.33 10.07 -3.10
N GLN C 191 -43.85 9.29 -2.18
CA GLN C 191 -43.81 9.69 -0.80
C GLN C 191 -42.50 9.31 -0.06
N VAL C 192 -41.66 8.43 -0.62
CA VAL C 192 -40.63 7.78 0.22
C VAL C 192 -39.58 8.78 0.69
N VAL C 193 -39.17 9.69 -0.19
CA VAL C 193 -38.16 10.68 0.21
C VAL C 193 -38.58 11.44 1.46
N ASP C 194 -39.76 12.06 1.42
CA ASP C 194 -40.33 12.75 2.59
C ASP C 194 -40.54 11.82 3.77
N ILE C 195 -40.90 10.57 3.53
CA ILE C 195 -41.03 9.65 4.66
C ILE C 195 -39.66 9.46 5.30
N ALA C 196 -38.62 9.33 4.46
CA ALA C 196 -37.24 9.16 4.93
C ALA C 196 -36.78 10.38 5.74
N ARG C 197 -37.05 11.58 5.19
CA ARG C 197 -36.65 12.84 5.82
C ARG C 197 -37.19 13.05 7.25
N ASP C 198 -38.37 12.52 7.55
CA ASP C 198 -38.97 12.66 8.89
C ASP C 198 -38.62 11.54 9.85
N LEU C 199 -37.74 10.62 9.44
CA LEU C 199 -37.38 9.49 10.30
C LEU C 199 -36.36 9.91 11.33
N LYS C 200 -36.56 9.44 12.56
CA LYS C 200 -35.55 9.56 13.62
C LYS C 200 -34.67 8.30 13.58
N PRO C 201 -33.39 8.46 13.91
CA PRO C 201 -32.56 7.26 14.06
C PRO C 201 -33.12 6.30 15.12
N SER C 202 -32.93 5.01 14.89
CA SER C 202 -33.36 3.98 15.84
C SER C 202 -32.34 3.85 16.98
N PRO C 203 -32.68 3.12 18.06
CA PRO C 203 -31.70 2.79 19.09
C PRO C 203 -30.53 1.96 18.54
N LEU C 207 -31.51 4.73 10.78
CA LEU C 207 -32.27 5.02 9.55
C LEU C 207 -32.76 3.73 8.91
N GLU C 208 -33.79 3.14 9.52
CA GLU C 208 -34.21 1.79 9.23
C GLU C 208 -35.16 1.76 8.03
N ILE C 209 -34.92 0.87 7.06
CA ILE C 209 -35.87 0.67 5.94
C ILE C 209 -37.20 0.12 6.48
N THR C 210 -37.17 -0.69 7.54
CA THR C 210 -38.41 -1.20 8.16
C THR C 210 -39.25 -0.08 8.75
N ASP C 211 -38.62 1.04 9.10
CA ASP C 211 -39.33 2.19 9.62
C ASP C 211 -40.03 2.92 8.48
N VAL C 212 -39.43 2.90 7.30
CA VAL C 212 -40.07 3.43 6.09
C VAL C 212 -41.27 2.55 5.76
N ASN C 213 -41.09 1.24 5.82
CA ASN C 213 -42.15 0.32 5.44
C ASN C 213 -43.29 0.38 6.45
N ARG C 214 -42.97 0.45 7.73
CA ARG C 214 -44.01 0.63 8.76
C ARG C 214 -44.83 1.90 8.52
N ALA C 215 -44.16 2.98 8.08
CA ALA C 215 -44.85 4.24 7.76
C ALA C 215 -45.89 4.09 6.65
N TYR C 216 -45.60 3.27 5.64
CA TYR C 216 -46.58 2.95 4.59
C TYR C 216 -47.65 2.00 5.13
N LEU C 217 -47.26 1.07 6.00
CA LEU C 217 -48.24 0.16 6.61
C LEU C 217 -49.30 0.93 7.42
N GLU C 218 -48.84 1.83 8.30
CA GLU C 218 -49.73 2.65 9.16
C GLU C 218 -50.70 3.54 8.39
N ARG C 219 -50.33 3.92 7.17
CA ARG C 219 -51.20 4.70 6.30
C ARG C 219 -52.05 3.81 5.43
N GLY C 220 -52.03 2.51 5.68
CA GLY C 220 -52.73 1.53 4.84
C GLY C 220 -52.29 1.46 3.39
N GLN C 221 -51.04 1.82 3.09
CA GLN C 221 -50.51 1.72 1.71
C GLN C 221 -49.29 0.79 1.49
N LEU C 222 -49.15 -0.26 2.30
CA LEU C 222 -48.10 -1.28 2.09
C LEU C 222 -48.73 -2.57 1.52
N SER C 223 -48.39 -2.86 0.28
CA SER C 223 -48.73 -4.13 -0.29
C SER C 223 -47.58 -5.09 0.02
N VAL C 224 -47.88 -6.13 0.80
CA VAL C 224 -46.93 -7.18 1.10
C VAL C 224 -47.34 -8.41 0.34
N GLU C 225 -46.63 -8.71 -0.74
CA GLU C 225 -46.88 -9.91 -1.54
C GLU C 225 -46.00 -11.09 -1.08
N ILE C 226 -46.54 -12.31 -1.16
CA ILE C 226 -45.79 -13.53 -0.83
C ILE C 226 -44.86 -13.90 -1.97
N MET C 227 -43.61 -14.15 -1.63
CA MET C 227 -42.69 -14.76 -2.56
C MET C 227 -42.67 -16.23 -2.17
N GLY C 228 -43.28 -17.07 -2.97
CA GLY C 228 -43.51 -18.47 -2.55
C GLY C 228 -42.25 -19.30 -2.42
N ARG C 229 -42.41 -20.47 -1.79
CA ARG C 229 -41.33 -21.45 -1.57
C ARG C 229 -40.63 -21.94 -2.87
N GLY C 230 -41.30 -21.77 -4.00
CA GLY C 230 -40.72 -22.10 -5.28
C GLY C 230 -39.74 -21.11 -5.85
N TYR C 231 -39.52 -19.99 -5.16
CA TYR C 231 -38.44 -19.07 -5.44
C TYR C 231 -37.28 -19.26 -4.46
N ALA C 232 -36.07 -19.03 -4.95
CA ALA C 232 -34.86 -18.93 -4.13
C ALA C 232 -34.55 -17.46 -3.88
N TRP C 233 -34.55 -17.07 -2.59
CA TRP C 233 -34.08 -15.76 -2.19
C TRP C 233 -32.91 -16.01 -1.28
N LEU C 234 -31.69 -15.76 -1.78
CA LEU C 234 -30.48 -15.96 -1.02
C LEU C 234 -29.82 -14.58 -0.74
N ASP C 235 -29.11 -14.48 0.38
CA ASP C 235 -28.20 -13.35 0.56
C ASP C 235 -26.74 -13.79 0.78
N THR C 236 -25.83 -12.99 0.24
CA THR C 236 -24.47 -13.38 0.13
C THR C 236 -23.67 -12.51 1.08
N GLY C 237 -24.09 -12.50 2.35
CA GLY C 237 -23.57 -11.56 3.36
C GLY C 237 -22.51 -12.15 4.29
N THR C 238 -22.45 -13.47 4.39
CA THR C 238 -21.37 -14.16 5.10
C THR C 238 -20.58 -15.03 4.14
N HIS C 239 -19.43 -15.51 4.61
CA HIS C 239 -18.57 -16.36 3.83
C HIS C 239 -19.29 -17.62 3.55
N ASP C 240 -20.00 -18.13 4.54
CA ASP C 240 -20.78 -19.36 4.32
C ASP C 240 -21.91 -19.18 3.30
N SER C 241 -22.67 -18.11 3.43
CA SER C 241 -23.81 -17.92 2.57
C SER C 241 -23.33 -17.58 1.16
N LEU C 242 -22.14 -17.00 1.02
CA LEU C 242 -21.59 -16.62 -0.29
C LEU C 242 -21.20 -17.89 -1.04
N LEU C 243 -20.63 -18.82 -0.30
CA LEU C 243 -20.32 -20.14 -0.81
C LEU C 243 -21.55 -20.91 -1.26
N GLU C 244 -22.58 -20.95 -0.41
CA GLU C 244 -23.84 -21.61 -0.72
C GLU C 244 -24.46 -21.02 -1.97
N ALA C 245 -24.47 -19.69 -2.11
CA ALA C 245 -25.01 -19.05 -3.31
C ALA C 245 -24.24 -19.47 -4.59
N GLY C 246 -22.92 -19.59 -4.47
CA GLY C 246 -22.07 -20.02 -5.58
C GLY C 246 -22.41 -21.43 -6.03
N GLN C 247 -22.44 -22.36 -5.10
CA GLN C 247 -22.79 -23.74 -5.43
CA GLN C 247 -22.79 -23.75 -5.45
C GLN C 247 -24.16 -23.83 -6.08
N PHE C 248 -25.10 -23.05 -5.57
CA PHE C 248 -26.46 -23.05 -6.04
C PHE C 248 -26.54 -22.58 -7.48
N ILE C 249 -25.87 -21.47 -7.79
CA ILE C 249 -25.93 -20.87 -9.13
C ILE C 249 -25.21 -21.81 -10.08
N ALA C 250 -24.06 -22.32 -9.65
CA ALA C 250 -23.25 -23.19 -10.46
C ALA C 250 -24.00 -24.48 -10.85
N THR C 251 -24.76 -25.04 -9.93
CA THR C 251 -25.60 -26.24 -10.18
C THR C 251 -26.64 -25.96 -11.27
N LEU C 252 -27.37 -24.86 -11.14
CA LEU C 252 -28.34 -24.42 -12.13
C LEU C 252 -27.68 -24.13 -13.48
N GLU C 253 -26.55 -23.43 -13.50
CA GLU C 253 -25.95 -23.00 -14.77
C GLU C 253 -25.33 -24.16 -15.50
N ASN C 254 -24.69 -25.07 -14.79
CA ASN C 254 -24.11 -26.29 -15.45
C ASN C 254 -25.12 -27.34 -15.89
N ARG C 255 -26.30 -27.32 -15.26
CA ARG C 255 -27.41 -28.19 -15.64
C ARG C 255 -28.05 -27.70 -16.95
N GLN C 256 -28.40 -26.42 -16.98
CA GLN C 256 -29.16 -25.84 -18.06
C GLN C 256 -28.36 -25.28 -19.23
N GLY C 257 -27.10 -24.89 -19.03
CA GLY C 257 -26.34 -24.19 -20.03
C GLY C 257 -26.89 -22.79 -20.22
N LEU C 258 -27.54 -22.26 -19.19
CA LEU C 258 -28.03 -20.89 -19.24
C LEU C 258 -27.47 -20.23 -18.02
N LYS C 259 -27.27 -18.93 -18.07
CA LYS C 259 -26.75 -18.22 -16.96
C LYS C 259 -27.88 -17.56 -16.18
N VAL C 260 -27.70 -17.44 -14.87
CA VAL C 260 -28.57 -16.63 -14.03
C VAL C 260 -27.95 -15.22 -13.92
N ALA C 261 -28.77 -14.20 -14.14
CA ALA C 261 -28.39 -12.80 -13.88
C ALA C 261 -27.21 -12.34 -14.74
N CYS C 262 -27.30 -12.58 -16.05
CA CYS C 262 -26.31 -12.13 -17.01
C CYS C 262 -26.92 -10.88 -17.63
N PRO C 263 -26.45 -9.69 -17.20
CA PRO C 263 -27.01 -8.43 -17.67
C PRO C 263 -27.04 -8.26 -19.20
N GLU C 264 -26.04 -8.76 -19.89
CA GLU C 264 -26.01 -8.64 -21.33
C GLU C 264 -27.24 -9.33 -21.94
N GLU C 265 -27.56 -10.52 -21.45
CA GLU C 265 -28.64 -11.30 -22.01
C GLU C 265 -29.97 -10.57 -21.74
N ILE C 266 -30.21 -10.20 -20.49
CA ILE C 266 -31.40 -9.49 -20.12
C ILE C 266 -31.58 -8.18 -20.92
N ALA C 267 -30.52 -7.40 -21.11
CA ALA C 267 -30.63 -6.21 -21.98
C ALA C 267 -31.00 -6.62 -23.40
N TYR C 268 -30.34 -7.65 -23.93
CA TYR C 268 -30.63 -8.14 -25.30
C TYR C 268 -32.07 -8.60 -25.43
N ARG C 269 -32.58 -9.33 -24.43
CA ARG C 269 -33.94 -9.84 -24.48
C ARG C 269 -34.94 -8.72 -24.28
N GLN C 270 -34.57 -7.73 -23.50
CA GLN C 270 -35.41 -6.55 -23.34
C GLN C 270 -35.42 -5.59 -24.57
N LYS C 271 -34.56 -5.85 -25.56
CA LYS C 271 -34.40 -5.01 -26.76
C LYS C 271 -33.76 -3.67 -26.41
N TRP C 272 -32.93 -3.65 -25.36
CA TRP C 272 -32.21 -2.44 -24.95
C TRP C 272 -30.93 -2.31 -25.67
N ILE C 273 -30.33 -3.44 -26.00
CA ILE C 273 -29.21 -3.50 -26.93
C ILE C 273 -29.69 -4.42 -28.03
N ASP C 274 -28.99 -4.47 -29.15
CA ASP C 274 -29.37 -5.30 -30.27
C ASP C 274 -28.26 -6.29 -30.56
N ALA C 275 -28.48 -7.15 -31.55
CA ALA C 275 -27.55 -8.24 -31.86
C ALA C 275 -26.17 -7.74 -32.18
N ALA C 276 -26.10 -6.61 -32.86
CA ALA C 276 -24.82 -6.04 -33.23
C ALA C 276 -24.03 -5.69 -31.98
N GLN C 277 -24.69 -5.01 -31.05
CA GLN C 277 -24.07 -4.64 -29.77
C GLN C 277 -23.72 -5.83 -28.90
N LEU C 278 -24.62 -6.81 -28.81
CA LEU C 278 -24.34 -8.06 -28.11
C LEU C 278 -23.11 -8.74 -28.66
N GLU C 279 -22.98 -8.73 -30.00
CA GLU C 279 -21.81 -9.33 -30.64
C GLU C 279 -20.54 -8.60 -30.19
N LYS C 280 -20.59 -7.27 -30.18
CA LYS C 280 -19.45 -6.46 -29.78
C LYS C 280 -19.04 -6.71 -28.32
N LEU C 281 -20.03 -6.87 -27.43
CA LEU C 281 -19.77 -7.19 -26.03
C LEU C 281 -19.20 -8.60 -25.90
N ALA C 282 -19.64 -9.53 -26.76
CA ALA C 282 -19.07 -10.88 -26.70
C ALA C 282 -17.58 -10.92 -27.09
N ALA C 283 -17.18 -10.06 -28.03
CA ALA C 283 -15.82 -10.08 -28.59
C ALA C 283 -14.65 -10.12 -27.56
N PRO C 284 -14.51 -9.08 -26.73
CA PRO C 284 -13.38 -9.13 -25.78
C PRO C 284 -13.36 -10.38 -24.89
N LEU C 285 -14.53 -11.00 -24.69
CA LEU C 285 -14.66 -12.17 -23.81
C LEU C 285 -14.72 -13.45 -24.60
N ALA C 286 -14.42 -13.39 -25.90
CA ALA C 286 -14.61 -14.52 -26.80
C ALA C 286 -13.84 -15.76 -26.39
N LYS C 287 -12.77 -15.56 -25.63
CA LYS C 287 -11.84 -16.65 -25.27
C LYS C 287 -12.29 -17.45 -24.02
N ASN C 288 -13.26 -16.94 -23.27
CA ASN C 288 -13.82 -17.67 -22.11
C ASN C 288 -15.27 -18.10 -22.33
N GLY C 289 -15.78 -18.90 -21.40
CA GLY C 289 -17.12 -19.43 -21.48
C GLY C 289 -18.26 -18.41 -21.44
N TYR C 290 -17.99 -17.18 -20.96
CA TYR C 290 -19.05 -16.16 -20.80
C TYR C 290 -19.23 -15.40 -22.11
N GLY C 291 -18.13 -15.10 -22.80
CA GLY C 291 -18.20 -14.56 -24.14
C GLY C 291 -18.82 -15.56 -25.09
N GLN C 292 -18.34 -16.80 -25.02
CA GLN C 292 -18.87 -17.84 -25.89
C GLN C 292 -20.37 -17.93 -25.70
N TYR C 293 -20.84 -17.73 -24.47
CA TYR C 293 -22.26 -17.84 -24.15
C TYR C 293 -23.05 -16.67 -24.70
N LEU C 294 -22.49 -15.45 -24.62
CA LEU C 294 -23.13 -14.29 -25.27
C LEU C 294 -23.25 -14.46 -26.79
N LYS C 295 -22.21 -15.04 -27.40
CA LYS C 295 -22.19 -15.29 -28.82
C LYS C 295 -23.30 -16.31 -29.11
N ARG C 296 -23.29 -17.43 -28.40
CA ARG C 296 -24.30 -18.47 -28.60
C ARG C 296 -25.72 -17.91 -28.50
N LEU C 297 -25.95 -16.89 -27.70
CA LEU C 297 -27.30 -16.29 -27.61
C LEU C 297 -27.82 -15.68 -28.91
N LEU C 298 -26.92 -15.36 -29.83
CA LEU C 298 -27.29 -14.71 -31.11
C LEU C 298 -28.02 -15.66 -32.08
N THR C 299 -27.79 -16.97 -31.95
CA THR C 299 -28.34 -17.99 -32.87
C THR C 299 -28.93 -19.19 -32.16
N GLU C 300 -29.53 -18.95 -30.99
CA GLU C 300 -30.29 -19.97 -30.31
C GLU C 300 -31.58 -19.34 -29.83
N THR C 301 -32.69 -20.02 -30.04
CA THR C 301 -33.96 -19.62 -29.44
C THR C 301 -34.03 -20.24 -28.06
N VAL C 302 -34.21 -19.39 -27.04
CA VAL C 302 -34.40 -19.84 -25.66
C VAL C 302 -35.77 -19.38 -25.24
N TYR C 303 -36.58 -20.30 -24.72
CA TYR C 303 -37.96 -20.03 -24.37
C TYR C 303 -38.13 -19.65 -22.88
N MET D 11 44.59 -5.72 19.71
CA MET D 11 43.14 -6.13 19.68
C MET D 11 42.32 -5.31 18.67
N LYS D 12 41.47 -6.02 17.93
CA LYS D 12 40.62 -5.35 16.95
C LYS D 12 39.39 -4.87 17.71
N ARG D 13 38.88 -3.70 17.31
CA ARG D 13 37.70 -3.09 17.92
C ARG D 13 36.57 -3.15 16.89
N LYS D 14 35.41 -3.68 17.29
CA LYS D 14 34.24 -3.74 16.39
C LYS D 14 33.33 -2.59 16.75
N GLY D 15 32.53 -2.18 15.77
CA GLY D 15 31.60 -1.07 15.97
C GLY D 15 30.15 -1.48 15.83
N ILE D 16 29.29 -0.70 16.47
CA ILE D 16 27.86 -0.88 16.38
C ILE D 16 27.28 0.48 16.11
N ILE D 17 26.40 0.59 15.10
CA ILE D 17 25.57 1.80 14.96
C ILE D 17 24.18 1.42 15.43
N LEU D 18 23.68 2.08 16.46
CA LEU D 18 22.32 1.88 16.89
C LEU D 18 21.41 2.91 16.19
N ALA D 19 20.59 2.43 15.27
CA ALA D 19 19.67 3.30 14.57
C ALA D 19 18.29 2.74 14.77
N GLY D 20 17.80 2.84 16.01
CA GLY D 20 16.53 2.23 16.40
C GLY D 20 15.43 3.22 16.26
N GLY D 21 14.28 2.95 16.88
CA GLY D 21 13.09 3.80 16.70
C GLY D 21 13.04 5.04 17.57
N SER D 22 12.54 6.14 17.01
CA SER D 22 12.30 7.36 17.79
C SER D 22 10.84 7.47 18.23
N GLY D 23 10.11 6.36 18.14
CA GLY D 23 8.72 6.30 18.59
C GLY D 23 7.82 7.10 17.68
N THR D 24 6.99 7.95 18.27
CA THR D 24 6.09 8.82 17.50
C THR D 24 6.52 10.27 17.60
N ARG D 25 7.65 10.54 18.25
CA ARG D 25 8.05 11.92 18.60
C ARG D 25 8.11 12.90 17.42
N LEU D 26 8.53 12.42 16.25
CA LEU D 26 8.64 13.26 15.05
C LEU D 26 7.62 12.84 14.00
N HIS D 27 6.61 12.08 14.41
CA HIS D 27 5.49 11.80 13.52
C HIS D 27 4.76 13.09 13.28
N PRO D 28 4.32 13.35 12.03
CA PRO D 28 4.27 12.42 10.89
C PRO D 28 5.50 12.40 9.96
N ALA D 29 6.48 13.27 10.23
CA ALA D 29 7.67 13.38 9.37
C ALA D 29 8.40 12.05 9.25
N THR D 30 8.41 11.27 10.32
CA THR D 30 9.10 9.98 10.34
C THR D 30 8.12 8.80 10.35
N LEU D 31 6.87 9.06 9.98
CA LEU D 31 5.89 8.00 10.00
C LEU D 31 6.19 6.99 8.90
N ALA D 32 6.70 7.50 7.79
CA ALA D 32 7.01 6.72 6.61
C ALA D 32 8.27 5.90 6.71
N ILE D 33 9.22 6.35 7.52
CA ILE D 33 10.55 5.78 7.53
C ILE D 33 11.38 6.39 8.62
N SER D 34 12.35 5.62 9.10
CA SER D 34 13.03 6.01 10.31
C SER D 34 14.02 7.12 10.03
N LYS D 35 14.29 7.85 11.09
CA LYS D 35 15.01 9.08 11.04
C LYS D 35 16.39 8.88 10.43
N GLN D 36 17.06 7.78 10.77
CA GLN D 36 18.45 7.60 10.36
C GLN D 36 18.61 7.33 8.86
N LEU D 37 17.51 7.06 8.16
CA LEU D 37 17.54 6.96 6.70
C LEU D 37 17.26 8.29 5.99
N LEU D 38 16.73 9.27 6.71
CA LEU D 38 16.49 10.55 6.09
C LEU D 38 17.82 11.23 5.83
N PRO D 39 17.92 12.03 4.76
CA PRO D 39 19.16 12.78 4.54
C PRO D 39 19.40 13.90 5.54
N VAL D 40 20.66 14.21 5.80
CA VAL D 40 21.03 15.51 6.36
C VAL D 40 21.80 16.17 5.22
N TYR D 41 21.20 17.23 4.67
CA TYR D 41 21.64 17.86 3.42
C TYR D 41 21.73 16.86 2.27
N ASP D 42 22.90 16.30 2.01
CA ASP D 42 23.18 15.58 0.77
C ASP D 42 23.33 14.08 0.90
N LYS D 43 23.23 13.57 2.13
CA LYS D 43 23.46 12.14 2.35
C LYS D 43 22.61 11.60 3.49
N PRO D 44 22.44 10.29 3.52
CA PRO D 44 21.60 9.73 4.56
C PRO D 44 22.22 9.87 5.91
N MET D 45 21.45 10.30 6.90
CA MET D 45 21.93 10.53 8.25
C MET D 45 22.91 9.49 8.78
N ILE D 46 22.70 8.23 8.45
CA ILE D 46 23.50 7.19 9.03
C ILE D 46 24.97 7.26 8.53
N TYR D 47 25.18 7.89 7.36
CA TYR D 47 26.53 8.10 6.81
C TYR D 47 27.40 8.81 7.83
N TYR D 48 26.82 9.68 8.63
CA TYR D 48 27.61 10.47 9.57
C TYR D 48 28.19 9.67 10.76
N PRO D 49 27.36 8.89 11.50
CA PRO D 49 27.94 8.07 12.56
C PRO D 49 28.81 6.98 12.02
N LEU D 50 28.45 6.43 10.87
CA LEU D 50 29.32 5.48 10.15
C LEU D 50 30.70 6.08 9.89
N SER D 51 30.73 7.27 9.32
CA SER D 51 31.96 7.96 9.05
C SER D 51 32.75 8.17 10.35
N THR D 52 32.07 8.43 11.46
CA THR D 52 32.74 8.47 12.75
C THR D 52 33.47 7.17 13.11
N LEU D 53 32.81 6.02 12.96
CA LEU D 53 33.48 4.76 13.27
C LEU D 53 34.65 4.57 12.31
N MET D 54 34.40 4.75 11.03
CA MET D 54 35.48 4.59 10.08
C MET D 54 36.68 5.47 10.49
N LEU D 55 36.41 6.71 10.90
CA LEU D 55 37.50 7.61 11.23
C LEU D 55 38.26 7.11 12.46
N ALA D 56 37.58 6.36 13.34
CA ALA D 56 38.26 5.69 14.46
C ALA D 56 38.99 4.38 14.07
N GLY D 57 38.99 4.02 12.79
CA GLY D 57 39.74 2.87 12.30
C GLY D 57 38.91 1.61 12.28
N ILE D 58 37.63 1.76 12.62
CA ILE D 58 36.71 0.64 12.77
C ILE D 58 36.12 0.25 11.40
N ARG D 59 36.35 -0.99 10.99
CA ARG D 59 35.88 -1.50 9.70
C ARG D 59 34.80 -2.59 9.82
N GLU D 60 34.79 -3.32 10.92
CA GLU D 60 33.76 -4.35 11.16
C GLU D 60 32.66 -3.78 12.02
N ILE D 61 31.46 -3.68 11.45
CA ILE D 61 30.39 -2.87 12.02
C ILE D 61 29.00 -3.55 11.95
N LEU D 62 28.29 -3.54 13.07
CA LEU D 62 26.92 -4.04 13.19
C LEU D 62 25.90 -2.91 13.24
N ILE D 63 24.97 -2.92 12.31
CA ILE D 63 23.93 -1.94 12.26
C ILE D 63 22.68 -2.59 12.87
N ILE D 64 22.15 -1.95 13.89
CA ILE D 64 20.93 -2.37 14.52
C ILE D 64 19.86 -1.32 14.28
N SER D 65 18.73 -1.75 13.71
CA SER D 65 17.56 -0.89 13.43
C SER D 65 16.27 -1.65 13.69
N THR D 66 15.14 -0.96 13.56
CA THR D 66 13.83 -1.62 13.75
C THR D 66 13.67 -2.73 12.74
N PRO D 67 12.85 -3.74 13.04
CA PRO D 67 12.54 -4.79 12.05
C PRO D 67 12.04 -4.25 10.69
N GLN D 68 11.16 -3.27 10.68
CA GLN D 68 10.68 -2.74 9.40
C GLN D 68 11.80 -2.17 8.52
N ASP D 69 12.76 -1.48 9.14
CA ASP D 69 13.72 -0.68 8.40
C ASP D 69 15.05 -1.35 8.11
N THR D 70 15.36 -2.46 8.75
CA THR D 70 16.65 -3.09 8.47
C THR D 70 16.84 -3.37 6.98
N PRO D 71 15.87 -4.04 6.31
CA PRO D 71 16.03 -4.28 4.89
C PRO D 71 16.52 -3.06 4.14
N ARG D 72 16.06 -1.89 4.55
CA ARG D 72 16.43 -0.68 3.84
C ARG D 72 17.84 -0.16 4.20
N PHE D 73 18.26 -0.30 5.46
CA PHE D 73 19.66 -0.01 5.82
C PHE D 73 20.54 -0.97 5.04
N GLN D 74 20.08 -2.21 4.94
CA GLN D 74 20.77 -3.30 4.27
C GLN D 74 20.91 -3.03 2.77
N GLN D 75 19.85 -2.53 2.15
CA GLN D 75 19.87 -2.17 0.74
C GLN D 75 20.81 -0.98 0.51
N LEU D 76 20.71 0.03 1.36
CA LEU D 76 21.53 1.23 1.22
C LEU D 76 23.02 0.91 1.25
N LEU D 77 23.43 0.12 2.25
CA LEU D 77 24.83 0.00 2.62
C LEU D 77 25.46 -1.33 2.21
N GLY D 78 24.62 -2.34 1.97
CA GLY D 78 25.12 -3.67 1.61
C GLY D 78 26.00 -4.31 2.69
N ASP D 79 26.93 -5.15 2.26
CA ASP D 79 27.78 -5.88 3.18
C ASP D 79 29.07 -5.11 3.47
N GLY D 80 29.18 -3.91 2.93
CA GLY D 80 30.32 -3.02 3.19
C GLY D 80 31.48 -3.16 2.24
N SER D 81 31.59 -4.32 1.57
CA SER D 81 32.81 -4.68 0.80
C SER D 81 33.20 -3.64 -0.23
N ASN D 82 32.22 -2.94 -0.81
CA ASN D 82 32.52 -1.88 -1.76
C ASN D 82 33.28 -0.67 -1.19
N TRP D 83 33.22 -0.48 0.14
CA TRP D 83 33.95 0.57 0.83
C TRP D 83 35.00 0.02 1.75
N GLY D 84 35.42 -1.23 1.53
CA GLY D 84 36.39 -1.91 2.41
C GLY D 84 35.93 -2.13 3.86
N LEU D 85 34.62 -2.12 4.08
CA LEU D 85 34.09 -2.45 5.37
C LEU D 85 33.51 -3.87 5.36
N ASP D 86 33.14 -4.34 6.54
CA ASP D 86 32.48 -5.64 6.71
C ASP D 86 31.29 -5.30 7.58
N LEU D 87 30.14 -5.05 6.93
CA LEU D 87 28.91 -4.73 7.62
C LEU D 87 28.09 -6.01 7.91
N GLN D 88 27.50 -6.07 9.11
CA GLN D 88 26.50 -7.06 9.50
C GLN D 88 25.29 -6.31 10.04
N TYR D 89 24.15 -6.98 10.17
CA TYR D 89 22.91 -6.32 10.57
C TYR D 89 22.12 -7.11 11.61
N ALA D 90 21.38 -6.42 12.45
CA ALA D 90 20.56 -7.08 13.46
C ALA D 90 19.45 -6.14 13.88
N VAL D 91 18.43 -6.68 14.54
CA VAL D 91 17.20 -5.92 14.77
C VAL D 91 17.02 -5.64 16.25
N GLN D 92 16.36 -4.53 16.56
CA GLN D 92 15.93 -4.25 17.92
C GLN D 92 14.42 -4.24 17.86
N PRO D 93 13.76 -5.31 18.31
CA PRO D 93 12.30 -5.46 18.18
C PRO D 93 11.52 -4.30 18.76
N SER D 94 11.92 -3.86 19.95
CA SER D 94 11.27 -2.75 20.64
C SER D 94 12.32 -1.72 21.16
N PRO D 95 11.91 -0.47 21.41
CA PRO D 95 12.88 0.47 21.92
C PRO D 95 13.06 0.40 23.44
N ASP D 96 13.80 -0.60 23.93
CA ASP D 96 13.99 -0.80 25.36
C ASP D 96 15.39 -0.38 25.89
N GLY D 97 15.96 0.68 25.31
CA GLY D 97 17.15 1.32 25.85
C GLY D 97 18.39 1.03 25.04
N LEU D 98 19.32 1.98 25.05
CA LEU D 98 20.51 1.91 24.20
C LEU D 98 21.40 0.74 24.57
N ALA D 99 21.40 0.36 25.85
CA ALA D 99 22.22 -0.75 26.32
C ALA D 99 21.83 -2.12 25.71
N GLN D 100 20.62 -2.24 25.16
CA GLN D 100 20.29 -3.49 24.44
C GLN D 100 21.24 -3.75 23.31
N ALA D 101 21.92 -2.69 22.87
CA ALA D 101 22.85 -2.83 21.75
C ALA D 101 23.81 -3.95 22.02
N PHE D 102 24.21 -4.12 23.28
CA PHE D 102 25.22 -5.11 23.68
C PHE D 102 24.67 -6.53 23.85
N LEU D 103 23.39 -6.64 24.17
CA LEU D 103 22.72 -7.95 24.18
C LEU D 103 22.44 -8.40 22.74
N ILE D 104 21.87 -7.51 21.92
CA ILE D 104 21.63 -7.81 20.51
C ILE D 104 22.95 -8.09 19.82
N GLY D 105 23.98 -7.32 20.18
CA GLY D 105 25.30 -7.42 19.55
C GLY D 105 26.30 -8.40 20.17
N GLU D 106 25.84 -9.18 21.14
CA GLU D 106 26.76 -9.99 21.95
C GLU D 106 27.64 -10.93 21.14
N SER D 107 27.05 -11.72 20.26
CA SER D 107 27.84 -12.69 19.46
C SER D 107 28.67 -11.97 18.44
N PHE D 108 28.14 -10.88 17.90
CA PHE D 108 28.92 -10.03 17.00
C PHE D 108 30.22 -9.56 17.66
N ILE D 109 30.10 -9.06 18.90
CA ILE D 109 31.25 -8.53 19.64
C ILE D 109 32.28 -9.63 19.97
N GLY D 110 31.80 -10.79 20.43
CA GLY D 110 32.66 -11.87 20.87
C GLY D 110 33.58 -11.49 22.03
N ASN D 111 34.86 -11.76 21.86
CA ASN D 111 35.87 -11.45 22.85
C ASN D 111 36.61 -10.13 22.50
N ASP D 112 36.02 -9.32 21.61
CA ASP D 112 36.66 -8.11 21.14
C ASP D 112 36.31 -6.84 21.89
N LEU D 113 37.11 -5.79 21.67
CA LEU D 113 36.77 -4.46 22.13
C LEU D 113 35.65 -3.92 21.19
N SER D 114 34.88 -2.96 21.67
CA SER D 114 33.76 -2.43 20.90
C SER D 114 33.55 -0.94 21.04
N ALA D 115 32.72 -0.40 20.16
CA ALA D 115 32.36 1.01 20.20
C ALA D 115 30.96 1.13 19.63
N LEU D 116 30.14 1.91 20.33
CA LEU D 116 28.76 2.14 20.00
C LEU D 116 28.59 3.62 19.65
N VAL D 117 28.00 3.91 18.50
CA VAL D 117 27.61 5.28 18.13
C VAL D 117 26.09 5.28 17.86
N LEU D 118 25.37 6.30 18.31
CA LEU D 118 23.96 6.39 17.99
C LEU D 118 23.79 6.80 16.53
N GLY D 119 22.82 6.21 15.85
CA GLY D 119 22.65 6.43 14.38
C GLY D 119 22.25 7.82 13.96
N ASP D 120 21.87 8.66 14.91
CA ASP D 120 21.47 10.04 14.65
C ASP D 120 22.41 11.13 15.24
N ASN D 121 23.61 10.75 15.68
CA ASN D 121 24.57 11.72 16.19
C ASN D 121 25.52 12.19 15.10
N LEU D 122 25.69 13.51 14.99
CA LEU D 122 26.62 14.08 14.02
C LEU D 122 27.73 14.82 14.76
N TYR D 123 28.97 14.56 14.34
CA TYR D 123 30.13 15.21 14.91
C TYR D 123 30.90 15.93 13.81
N TYR D 124 31.41 17.11 14.12
CA TYR D 124 32.31 17.81 13.22
C TYR D 124 33.42 18.49 14.03
N GLY D 125 34.61 18.61 13.43
CA GLY D 125 35.71 19.37 14.01
C GLY D 125 37.09 18.89 13.63
N HIS D 126 38.06 19.75 13.88
CA HIS D 126 39.47 19.44 13.61
C HIS D 126 40.06 18.42 14.55
N ASP D 127 40.88 17.52 14.01
CA ASP D 127 41.61 16.51 14.79
C ASP D 127 40.65 15.54 15.52
N PHE D 128 39.60 15.15 14.82
CA PHE D 128 38.60 14.21 15.34
C PHE D 128 39.16 12.81 15.26
N HIS D 129 39.85 12.53 14.15
CA HIS D 129 40.60 11.30 13.98
C HIS D 129 41.52 11.02 15.12
N GLU D 130 42.17 12.07 15.63
CA GLU D 130 43.09 11.94 16.75
C GLU D 130 42.31 11.76 18.04
N LEU D 131 41.26 12.56 18.23
CA LEU D 131 40.42 12.49 19.45
C LEU D 131 39.77 11.10 19.66
N LEU D 132 39.51 10.38 18.56
CA LEU D 132 38.96 9.03 18.59
C LEU D 132 40.10 7.99 18.68
N GLY D 133 41.27 8.37 18.17
CA GLY D 133 42.45 7.52 18.26
C GLY D 133 42.83 7.21 19.70
N SER D 134 42.79 8.21 20.56
CA SER D 134 43.19 8.01 21.94
C SER D 134 42.16 7.15 22.69
N ALA D 135 40.88 7.25 22.34
CA ALA D 135 39.87 6.36 22.93
C ALA D 135 40.03 4.95 22.38
N SER D 136 40.23 4.85 21.07
CA SER D 136 40.30 3.56 20.41
C SER D 136 41.44 2.71 20.92
N GLN D 137 42.60 3.33 21.14
CA GLN D 137 43.81 2.61 21.49
C GLN D 137 43.84 2.18 22.98
N ARG D 138 42.95 2.71 23.83
CA ARG D 138 42.81 2.19 25.20
C ARG D 138 42.23 0.78 25.18
N GLN D 139 43.01 -0.17 25.65
CA GLN D 139 42.63 -1.58 25.59
C GLN D 139 41.77 -1.99 26.76
N THR D 140 41.66 -1.11 27.75
CA THR D 140 41.07 -1.42 29.03
C THR D 140 40.12 -0.29 29.38
N GLY D 141 39.08 -0.59 30.15
CA GLY D 141 38.11 0.44 30.56
C GLY D 141 37.23 0.96 29.41
N ALA D 142 36.48 2.01 29.70
CA ALA D 142 35.60 2.66 28.74
C ALA D 142 35.92 4.16 28.60
N SER D 143 35.82 4.67 27.37
CA SER D 143 35.82 6.11 27.10
C SER D 143 34.47 6.65 26.54
N VAL D 144 34.06 7.77 27.08
CA VAL D 144 32.94 8.53 26.58
C VAL D 144 33.37 9.99 26.45
N PHE D 145 32.53 10.81 25.82
CA PHE D 145 32.82 12.23 25.61
C PHE D 145 31.75 13.08 26.25
N ALA D 146 32.18 14.11 27.00
CA ALA D 146 31.28 15.11 27.56
C ALA D 146 31.35 16.44 26.75
N TYR D 147 30.21 17.10 26.58
CA TYR D 147 30.11 18.26 25.71
C TYR D 147 29.17 19.26 26.38
N HIS D 148 29.61 20.50 26.50
CA HIS D 148 28.76 21.56 27.00
C HIS D 148 27.57 21.85 26.10
N VAL D 149 26.40 21.96 26.72
CA VAL D 149 25.14 22.17 26.03
C VAL D 149 24.23 23.02 26.89
N LEU D 150 23.29 23.66 26.20
CA LEU D 150 22.28 24.53 26.80
C LEU D 150 21.30 23.73 27.69
N ASP D 151 20.93 22.54 27.21
CA ASP D 151 19.84 21.75 27.80
C ASP D 151 20.30 20.39 28.30
N PRO D 152 21.12 20.33 29.37
CA PRO D 152 21.67 19.05 29.79
C PRO D 152 20.62 18.02 30.25
N GLU D 153 19.47 18.48 30.77
CA GLU D 153 18.34 17.59 31.18
C GLU D 153 17.96 16.53 30.17
N ARG D 154 18.19 16.80 28.89
CA ARG D 154 17.77 15.86 27.85
C ARG D 154 18.68 14.66 27.78
N TYR D 155 19.81 14.69 28.47
CA TYR D 155 20.85 13.70 28.25
C TYR D 155 21.33 13.07 29.53
N GLY D 156 22.35 12.23 29.38
CA GLY D 156 23.18 11.80 30.49
C GLY D 156 24.18 12.88 30.90
N VAL D 157 24.08 13.33 32.14
CA VAL D 157 24.81 14.46 32.64
C VAL D 157 25.95 14.04 33.54
N VAL D 158 27.15 14.51 33.23
CA VAL D 158 28.31 14.16 34.03
C VAL D 158 28.65 15.30 35.02
N GLU D 159 28.97 14.93 36.26
CA GLU D 159 29.38 15.89 37.27
C GLU D 159 30.85 15.70 37.56
N PHE D 160 31.56 16.83 37.67
CA PHE D 160 33.00 16.86 37.93
C PHE D 160 33.33 17.47 39.29
N ASP D 161 34.46 17.07 39.87
CA ASP D 161 34.92 17.70 41.12
C ASP D 161 35.79 18.90 40.74
N GLN D 162 36.18 19.70 41.73
CA GLN D 162 36.98 20.90 41.46
C GLN D 162 38.24 20.58 40.69
N GLY D 163 38.72 19.35 40.78
CA GLY D 163 39.93 18.95 40.06
C GLY D 163 39.69 18.42 38.66
N GLY D 164 38.42 18.45 38.22
CA GLY D 164 38.02 18.00 36.88
C GLY D 164 37.74 16.50 36.73
N LYS D 165 37.48 15.80 37.84
CA LYS D 165 37.23 14.36 37.81
C LYS D 165 35.76 14.10 37.83
N ALA D 166 35.34 13.18 36.96
CA ALA D 166 33.97 12.71 36.95
C ALA D 166 33.66 12.00 38.29
N ILE D 167 32.60 12.42 38.96
CA ILE D 167 32.16 11.79 40.21
C ILE D 167 30.69 11.29 40.21
N SER D 168 29.90 11.68 39.21
CA SER D 168 28.57 11.06 39.00
C SER D 168 28.02 11.23 37.56
N LEU D 169 27.19 10.28 37.15
CA LEU D 169 26.45 10.33 35.90
C LEU D 169 24.98 10.24 36.26
N GLU D 170 24.15 11.01 35.60
CA GLU D 170 22.70 10.97 35.82
C GLU D 170 21.95 11.09 34.50
N GLU D 171 21.01 10.18 34.29
CA GLU D 171 20.24 10.15 33.05
C GLU D 171 19.04 11.09 33.18
N LYS D 172 19.01 12.12 32.35
CA LYS D 172 17.89 13.05 32.27
C LYS D 172 17.50 13.59 33.64
N PRO D 173 18.49 14.07 34.39
CA PRO D 173 18.15 14.58 35.72
C PRO D 173 17.25 15.81 35.64
N LEU D 174 16.31 15.93 36.58
CA LEU D 174 15.44 17.12 36.71
C LEU D 174 16.23 18.34 37.13
N GLU D 175 17.34 18.12 37.83
CA GLU D 175 18.22 19.20 38.25
C GLU D 175 19.66 18.85 37.90
N PRO D 176 20.05 19.08 36.63
CA PRO D 176 21.39 18.71 36.19
C PRO D 176 22.46 19.28 37.10
N LYS D 177 23.51 18.49 37.31
CA LYS D 177 24.62 18.88 38.18
C LYS D 177 25.58 19.79 37.45
N SER D 178 25.71 19.57 36.14
CA SER D 178 26.45 20.46 35.27
C SER D 178 25.70 20.64 33.94
N ASN D 179 26.33 21.35 33.02
CA ASN D 179 25.86 21.46 31.63
C ASN D 179 26.63 20.52 30.71
N TYR D 180 27.34 19.55 31.27
CA TYR D 180 28.08 18.57 30.50
C TYR D 180 27.23 17.32 30.23
N ALA D 181 27.07 17.03 28.95
CA ALA D 181 26.20 15.98 28.44
C ALA D 181 27.08 14.92 27.78
N VAL D 182 26.76 13.66 28.03
CA VAL D 182 27.51 12.59 27.41
C VAL D 182 27.02 12.44 25.98
N THR D 183 27.93 12.46 25.01
CA THR D 183 27.58 12.38 23.61
C THR D 183 27.29 10.93 23.25
N GLY D 184 26.84 10.70 22.00
CA GLY D 184 26.38 9.38 21.56
C GLY D 184 27.45 8.57 20.90
N LEU D 185 28.64 8.56 21.50
CA LEU D 185 29.78 7.80 21.01
C LEU D 185 30.45 7.20 22.20
N TYR D 186 30.58 5.87 22.20
CA TYR D 186 31.05 5.16 23.37
C TYR D 186 32.08 4.08 22.99
N PHE D 187 33.22 4.09 23.70
CA PHE D 187 34.27 3.07 23.57
C PHE D 187 34.29 2.13 24.82
N TYR D 188 34.38 0.81 24.60
CA TYR D 188 34.31 -0.15 25.72
C TYR D 188 35.33 -1.25 25.54
N ASP D 189 35.72 -1.86 26.64
CA ASP D 189 36.60 -3.03 26.61
C ASP D 189 35.72 -4.30 26.60
N GLN D 190 36.30 -5.46 26.91
CA GLN D 190 35.56 -6.75 26.96
C GLN D 190 34.54 -6.89 28.07
N GLN D 191 34.40 -5.92 28.95
CA GLN D 191 33.50 -6.06 30.09
C GLN D 191 32.06 -5.67 29.81
N VAL D 192 31.82 -4.89 28.75
CA VAL D 192 30.52 -4.25 28.54
C VAL D 192 29.36 -5.21 28.30
N VAL D 193 29.58 -6.28 27.55
CA VAL D 193 28.51 -7.27 27.34
C VAL D 193 27.99 -7.80 28.68
N ASP D 194 28.91 -8.30 29.53
CA ASP D 194 28.58 -8.84 30.88
C ASP D 194 27.95 -7.81 31.80
N ILE D 195 28.37 -6.56 31.66
CA ILE D 195 27.76 -5.48 32.41
C ILE D 195 26.38 -5.25 31.81
N ALA D 196 26.25 -5.30 30.49
CA ALA D 196 24.93 -5.11 29.85
C ALA D 196 23.95 -6.20 30.35
N ARG D 197 24.44 -7.43 30.40
CA ARG D 197 23.60 -8.55 30.79
C ARG D 197 23.07 -8.54 32.24
N ASP D 198 23.76 -7.88 33.17
CA ASP D 198 23.27 -7.75 34.55
C ASP D 198 22.45 -6.48 34.78
N LEU D 199 22.25 -5.68 33.73
CA LEU D 199 21.42 -4.49 33.89
C LEU D 199 19.97 -4.84 34.21
N LYS D 200 19.33 -3.99 34.99
CA LYS D 200 17.90 -4.09 35.24
C LYS D 200 17.24 -2.90 34.58
N PRO D 201 16.09 -3.12 33.91
CA PRO D 201 15.27 -2.01 33.42
C PRO D 201 15.12 -0.90 34.46
N SER D 202 15.17 0.35 33.98
CA SER D 202 15.05 1.53 34.85
C SER D 202 13.61 1.81 35.27
N GLU D 206 13.62 0.83 30.62
CA GLU D 206 14.73 0.85 29.66
C GLU D 206 16.04 0.31 30.27
N LEU D 207 16.82 -0.35 29.43
CA LEU D 207 18.16 -0.76 29.73
C LEU D 207 19.08 0.41 29.33
N GLU D 208 19.59 1.10 30.35
CA GLU D 208 20.19 2.41 30.23
C GLU D 208 21.69 2.33 29.99
N ILE D 209 22.14 2.93 28.91
CA ILE D 209 23.56 3.09 28.66
C ILE D 209 24.25 3.84 29.82
N THR D 210 23.56 4.75 30.50
CA THR D 210 24.17 5.50 31.61
C THR D 210 24.50 4.57 32.80
N ASP D 211 23.72 3.49 32.98
CA ASP D 211 24.04 2.44 33.96
C ASP D 211 25.29 1.64 33.56
N VAL D 212 25.42 1.33 32.27
CA VAL D 212 26.66 0.74 31.78
C VAL D 212 27.86 1.65 32.12
N ASN D 213 27.78 2.92 31.74
CA ASN D 213 28.85 3.87 32.03
C ASN D 213 29.07 4.11 33.54
N ARG D 214 28.00 4.09 34.33
CA ARG D 214 28.13 4.19 35.78
C ARG D 214 28.89 2.99 36.33
N ALA D 215 28.61 1.78 35.81
CA ALA D 215 29.36 0.60 36.24
C ALA D 215 30.86 0.81 36.09
N TYR D 216 31.30 1.36 34.96
CA TYR D 216 32.73 1.61 34.78
C TYR D 216 33.18 2.76 35.69
N LEU D 217 32.33 3.76 35.90
CA LEU D 217 32.70 4.89 36.77
C LEU D 217 33.05 4.39 38.19
N GLU D 218 32.13 3.62 38.79
CA GLU D 218 32.32 3.02 40.13
C GLU D 218 33.63 2.21 40.29
N ARG D 219 34.14 1.65 39.20
CA ARG D 219 35.36 0.86 39.24
C ARG D 219 36.60 1.65 38.82
N GLY D 220 36.48 2.98 38.72
CA GLY D 220 37.59 3.81 38.28
C GLY D 220 37.99 3.54 36.85
N GLN D 221 37.08 3.00 36.03
CA GLN D 221 37.47 2.62 34.68
C GLN D 221 36.79 3.43 33.55
N LEU D 222 36.13 4.56 33.91
CA LEU D 222 35.50 5.50 32.94
C LEU D 222 36.40 6.71 32.66
N SER D 223 36.96 6.75 31.47
CA SER D 223 37.60 7.95 30.97
C SER D 223 36.55 8.93 30.41
N VAL D 224 36.32 10.04 31.10
CA VAL D 224 35.45 11.10 30.57
C VAL D 224 36.28 12.19 29.95
N GLU D 225 36.50 12.11 28.64
CA GLU D 225 37.21 13.16 27.91
C GLU D 225 36.26 14.29 27.51
N ILE D 226 36.73 15.53 27.61
CA ILE D 226 35.94 16.69 27.16
C ILE D 226 36.04 16.83 25.65
N MET D 227 34.88 16.98 25.01
CA MET D 227 34.81 17.35 23.61
C MET D 227 34.60 18.86 23.62
N GLY D 228 35.63 19.60 23.29
CA GLY D 228 35.62 21.04 23.48
C GLY D 228 34.63 21.85 22.64
N ARG D 229 34.50 23.13 23.00
CA ARG D 229 33.58 24.05 22.33
C ARG D 229 33.92 24.29 20.84
N GLY D 230 35.12 23.90 20.43
CA GLY D 230 35.51 23.97 19.03
C GLY D 230 35.15 22.78 18.18
N TYR D 231 34.40 21.82 18.76
CA TYR D 231 33.75 20.74 18.01
C TYR D 231 32.22 20.97 17.90
N ALA D 232 31.65 20.49 16.81
CA ALA D 232 30.20 20.51 16.59
C ALA D 232 29.66 19.14 16.96
N TRP D 233 28.88 19.05 18.03
CA TRP D 233 28.07 17.84 18.24
C TRP D 233 26.65 18.25 17.93
N LEU D 234 26.16 17.87 16.76
CA LEU D 234 24.88 18.45 16.31
C LEU D 234 23.66 17.65 16.80
N ASP D 235 22.60 18.43 17.01
CA ASP D 235 21.33 17.98 17.53
C ASP D 235 20.40 17.58 16.37
N THR D 236 19.97 16.31 16.32
CA THR D 236 18.91 15.87 15.40
C THR D 236 17.61 15.37 16.10
N GLY D 237 17.37 15.86 17.30
CA GLY D 237 16.23 15.38 18.09
C GLY D 237 14.90 16.03 17.81
N THR D 238 14.92 17.21 17.16
CA THR D 238 13.71 17.90 16.76
C THR D 238 13.67 18.19 15.24
N HIS D 239 12.56 18.77 14.76
CA HIS D 239 12.46 19.16 13.38
C HIS D 239 13.32 20.33 13.18
N ASP D 240 13.40 21.18 14.19
CA ASP D 240 14.21 22.40 14.10
C ASP D 240 15.70 22.04 14.08
N SER D 241 16.11 21.13 14.95
CA SER D 241 17.51 20.77 15.00
C SER D 241 17.95 19.91 13.79
N LEU D 242 17.04 19.14 13.22
CA LEU D 242 17.29 18.44 11.95
C LEU D 242 17.68 19.47 10.86
N LEU D 243 16.89 20.51 10.79
CA LEU D 243 17.07 21.58 9.84
C LEU D 243 18.39 22.32 10.02
N GLU D 244 18.65 22.75 11.24
CA GLU D 244 19.92 23.45 11.56
C GLU D 244 21.15 22.61 11.17
N ALA D 245 21.03 21.30 11.27
CA ALA D 245 22.11 20.38 10.98
C ALA D 245 22.41 20.37 9.49
N GLY D 246 21.35 20.27 8.68
CA GLY D 246 21.49 20.30 7.23
C GLY D 246 22.01 21.64 6.76
N GLN D 247 21.55 22.74 7.34
CA GLN D 247 22.10 24.05 7.07
CA GLN D 247 22.10 24.07 7.03
C GLN D 247 23.55 24.16 7.47
N PHE D 248 23.91 23.47 8.56
CA PHE D 248 25.24 23.55 9.09
C PHE D 248 26.22 22.85 8.16
N ILE D 249 25.85 21.66 7.68
CA ILE D 249 26.63 20.88 6.74
C ILE D 249 26.70 21.52 5.35
N ALA D 250 25.63 22.20 4.93
CA ALA D 250 25.56 22.85 3.64
C ALA D 250 26.59 23.99 3.58
N THR D 251 26.60 24.79 4.63
CA THR D 251 27.55 25.87 4.79
C THR D 251 29.03 25.43 4.79
N LEU D 252 29.35 24.28 5.40
CA LEU D 252 30.71 23.82 5.43
C LEU D 252 31.09 23.28 4.08
N GLU D 253 30.21 22.45 3.50
CA GLU D 253 30.52 21.79 2.23
C GLU D 253 30.62 22.78 1.06
N ASN D 254 29.75 23.79 1.07
CA ASN D 254 29.74 24.79 0.00
C ASN D 254 30.85 25.86 0.13
N ARG D 255 31.33 26.08 1.34
CA ARG D 255 32.44 27.00 1.56
C ARG D 255 33.74 26.39 1.07
N GLN D 256 33.89 25.10 1.34
CA GLN D 256 35.17 24.38 1.23
C GLN D 256 35.34 23.62 -0.07
N GLY D 257 34.23 23.25 -0.71
CA GLY D 257 34.24 22.29 -1.81
C GLY D 257 34.63 20.91 -1.34
N LEU D 258 34.41 20.62 -0.07
CA LEU D 258 34.76 19.33 0.49
C LEU D 258 33.53 18.83 1.25
N LYS D 259 33.31 17.51 1.28
CA LYS D 259 32.12 16.96 1.91
C LYS D 259 32.46 16.49 3.30
N VAL D 260 31.50 16.57 4.22
CA VAL D 260 31.61 16.05 5.59
C VAL D 260 30.97 14.67 5.62
N ALA D 261 31.69 13.67 6.13
CA ALA D 261 31.21 12.29 6.34
C ALA D 261 30.80 11.60 5.04
N CYS D 262 31.74 11.59 4.09
CA CYS D 262 31.64 10.88 2.84
C CYS D 262 32.36 9.55 2.95
N PRO D 263 31.61 8.45 3.16
CA PRO D 263 32.33 7.21 3.47
C PRO D 263 33.32 6.81 2.38
N GLU D 264 32.97 7.03 1.11
CA GLU D 264 33.85 6.59 0.05
C GLU D 264 35.19 7.30 0.15
N GLU D 265 35.15 8.59 0.39
CA GLU D 265 36.37 9.36 0.52
C GLU D 265 37.19 8.81 1.70
N ILE D 266 36.55 8.58 2.85
CA ILE D 266 37.26 8.15 4.06
C ILE D 266 37.87 6.76 3.89
N ALA D 267 37.12 5.83 3.30
CA ALA D 267 37.71 4.55 2.91
C ALA D 267 38.98 4.78 2.06
N TYR D 268 38.87 5.61 1.04
CA TYR D 268 40.00 5.88 0.14
C TYR D 268 41.22 6.42 0.89
N ARG D 269 40.98 7.33 1.83
CA ARG D 269 42.09 7.97 2.56
C ARG D 269 42.74 7.03 3.57
N GLN D 270 41.94 6.14 4.17
CA GLN D 270 42.41 5.06 5.04
C GLN D 270 43.02 3.92 4.23
N LYS D 271 43.10 4.08 2.90
CA LYS D 271 43.63 3.05 2.03
C LYS D 271 42.91 1.70 2.20
N TRP D 272 41.61 1.73 2.48
CA TRP D 272 40.78 0.50 2.55
C TRP D 272 40.22 0.13 1.23
N ILE D 273 40.07 1.13 0.36
CA ILE D 273 39.80 0.92 -1.06
C ILE D 273 40.88 1.67 -1.85
N ASP D 274 41.11 1.28 -3.10
CA ASP D 274 42.13 1.92 -3.94
C ASP D 274 41.47 2.81 -5.00
N ALA D 275 42.31 3.49 -5.77
CA ALA D 275 41.89 4.46 -6.77
C ALA D 275 40.96 3.87 -7.82
N ALA D 276 41.18 2.62 -8.18
CA ALA D 276 40.35 1.93 -9.16
C ALA D 276 38.97 1.63 -8.59
N GLN D 277 38.91 1.15 -7.34
CA GLN D 277 37.63 0.99 -6.65
C GLN D 277 36.89 2.33 -6.48
N LEU D 278 37.57 3.38 -6.02
CA LEU D 278 36.91 4.68 -5.92
C LEU D 278 36.32 5.08 -7.26
N GLU D 279 37.04 4.76 -8.34
CA GLU D 279 36.59 5.15 -9.66
C GLU D 279 35.29 4.46 -10.02
N LYS D 280 35.19 3.17 -9.73
CA LYS D 280 33.96 2.41 -10.02
C LYS D 280 32.76 2.91 -9.22
N LEU D 281 33.02 3.35 -7.99
CA LEU D 281 31.97 3.90 -7.11
C LEU D 281 31.42 5.20 -7.62
N ALA D 282 32.27 6.05 -8.21
CA ALA D 282 31.80 7.32 -8.73
C ALA D 282 31.02 7.17 -10.06
N ALA D 283 31.12 6.02 -10.73
CA ALA D 283 30.54 5.86 -12.07
C ALA D 283 29.01 5.98 -12.08
N PRO D 284 28.31 5.28 -11.17
CA PRO D 284 26.84 5.33 -11.19
C PRO D 284 26.28 6.70 -10.86
N LEU D 285 27.05 7.44 -10.08
CA LEU D 285 26.67 8.77 -9.61
C LEU D 285 27.26 9.91 -10.48
N ALA D 286 27.82 9.55 -11.64
CA ALA D 286 28.64 10.49 -12.45
C ALA D 286 27.95 11.79 -12.88
N LYS D 287 26.62 11.75 -13.05
CA LYS D 287 25.87 12.91 -13.53
C LYS D 287 25.49 13.91 -12.43
N ASN D 288 25.59 13.51 -11.16
CA ASN D 288 25.29 14.44 -10.06
C ASN D 288 26.54 14.82 -9.27
N GLY D 289 26.37 15.70 -8.29
CA GLY D 289 27.49 16.26 -7.55
C GLY D 289 28.29 15.29 -6.70
N TYR D 290 27.65 14.22 -6.25
CA TYR D 290 28.30 13.29 -5.35
C TYR D 290 29.25 12.43 -6.12
N GLY D 291 28.83 11.92 -7.27
CA GLY D 291 29.77 11.24 -8.16
C GLY D 291 30.87 12.15 -8.68
N GLN D 292 30.53 13.40 -8.97
CA GLN D 292 31.50 14.28 -9.57
C GLN D 292 32.60 14.48 -8.54
N TYR D 293 32.14 14.58 -7.29
CA TYR D 293 33.00 14.76 -6.14
C TYR D 293 33.94 13.59 -5.93
N LEU D 294 33.42 12.37 -5.99
CA LEU D 294 34.26 11.22 -5.81
C LEU D 294 35.30 11.11 -6.95
N LYS D 295 34.90 11.47 -8.18
CA LYS D 295 35.83 11.53 -9.32
C LYS D 295 36.92 12.57 -9.05
N ARG D 296 36.52 13.75 -8.59
CA ARG D 296 37.48 14.82 -8.28
C ARG D 296 38.51 14.42 -7.21
N LEU D 297 38.14 13.54 -6.29
CA LEU D 297 39.08 13.06 -5.26
C LEU D 297 40.26 12.24 -5.80
N LEU D 298 40.12 11.68 -7.01
CA LEU D 298 41.20 10.84 -7.54
C LEU D 298 42.47 11.63 -7.95
N THR D 299 42.31 12.92 -8.27
CA THR D 299 43.40 13.73 -8.84
C THR D 299 43.61 15.08 -8.14
N GLU D 300 43.25 15.15 -6.87
CA GLU D 300 43.49 16.35 -6.11
C GLU D 300 44.09 15.90 -4.81
N THR D 301 45.07 16.64 -4.32
CA THR D 301 45.66 16.35 -3.03
C THR D 301 44.90 17.21 -2.03
N VAL D 302 44.33 16.59 -1.00
CA VAL D 302 43.62 17.31 0.08
C VAL D 302 44.38 17.12 1.38
N TYR D 303 44.92 18.19 1.94
CA TYR D 303 45.74 18.09 3.15
C TYR D 303 44.88 18.01 4.41
#